data_8XX6
#
_entry.id   8XX6
#
_cell.length_a   1.00
_cell.length_b   1.00
_cell.length_c   1.00
_cell.angle_alpha   90.00
_cell.angle_beta   90.00
_cell.angle_gamma   90.00
#
_symmetry.space_group_name_H-M   'P 1'
#
loop_
_entity.id
_entity.type
_entity.pdbx_description
1 polymer 'C-X-C chemokine receptor type 2'
2 polymer MDNCF-a
3 polymer 'Guanine nucleotide-binding protein G(o) subunit alpha'
4 polymer 'Guanine nucleotide-binding protein G(I)/G(S)/G(T) subunit beta-1'
5 polymer 'Guanine nucleotide-binding protein G(I)/G(S)/G(O) subunit gamma-2'
6 polymer 'Antibody fragment ScFv16'
#
loop_
_entity_poly.entity_id
_entity_poly.type
_entity_poly.pdbx_seq_one_letter_code
_entity_poly.pdbx_strand_id
1 'polypeptide(L)'
;MGKTIIALSYIFCLVFADYKDDDDAANFTPVNGSSGNQSVRLVTSSSLEVLFQGPGSEDFNMESDSFEDFWKGEDLSNYS
YSSTLPPFLLDAAPCEPESLEINKYFVVIIYALVFLLSLLGNSLVMLVILYSRVGRSVTDVYLLNLALADLLFALTLPIW
AASKVNGWIFGTFLCKVVSLLKEVNFYSGILLLACISVDRYLAIVHATRTLTQKRYLVKFICLSIWGLSLLLALPVLLFR
RTVYSSNVSPACYEDMGNNTANWRMLLRILPQSFGFIVPLLIMLFCYGFTLRTLFKAHMGQKHRAMRVIFAVVLIFLLCW
LPYNLVLLADTLMRTQVIQETCERRNHIDRALDATEILGILHSCLNPLIYAFIGQKFRHGLLKILAIHGLISKDSLPKDS
RPSFVGSSSGHTSTTL
;
R
2 'polypeptide(L)' EGAVLPRSAKELRCQCIKTYSKPFHPKFIKELRVIESGPHCANTEIIVKLSDGRELCLDPKENWVQRVVEKFLKRAENS D,E
3 'polypeptide(L)'
;MGHHHHHHENLYFQGTLSAEERAALERSKAIEKNLKEDGISAAKDVKLLLLGADNSGKSTIVKQMKIIHGGSGGSGGTTG
IVETHFTFKNLHFRLFDVGGQRSERKKWIHCFEDVTAIIFCVDLSDYNRMHESLMLFDSICNNKFFIDTSIILFLNKKDL
FGEKIKKSPLTICFPEYTGPNTYEDAAAYIQAQFESKNRSPNKEIYCHMTCATDTNNAQVIFDAVTDIIIANNLRGCGLY
;
A
4 'polypeptide(L)'
;MHHHHHHGSSGSELDQLRQEAEQLKNQIRDARKACADATLSQITNNIDPVGRIQMRTRRTLRGHLAKIYAMHWGTDSRLL
VSASQDGKLIIWDSYTTNKVHAIPLRSSWVMTCAYAPSGNYVACGGLDNICSIYNLKTREGNVRVSRELAGHTGYLSCCR
FLDDNQIVTSSGDTTCALWDIETGQQTTTFTGHTGDVMSLSLAPDTRLFVSGACDASAKLWDVREGMCRQTFTGHESDIN
AICFFPNGNAFATGSDDATCRLFDLRADQELMTYSHDNIICGITSVSFSKSGRLLLAGYDDFNCNVWDALKADRAGVLAG
HDNRVSCLGVTDDGMAVATGSWDSFLKIWN
;
B
5 'polypeptide(L)' MASNNTASIAQARKLVEQLKMEANIDRIKVSKAAADLMAYCEAHAKEDPLLTPVPASENPFREKKFFCAIL G
6 'polypeptide(L)'
;DVQLVESGGGLVQPGGSRKLSCSASGFAFSSFGMHWVRQAPEKGLEWVAYISSGSGTIYYADTVKGRFTISRDDPKNTLF
LQMTSLRSEDTAMYYCVRSIYYYGSSPFDFWGQGTTLTVSSGGGGSGGGGSGGGGSDIVMTQATSSVPVTPGESVSISCR
SSKSLLHSNGNTYLYWFLQRPGQSPQLLIYRMSNLASGVPDRFSGSGSGTAFTLTISRLEAEDVGVYYCMQHLEYPLTFG
AGTKLELK
;
S
#
# COMPACT_ATOMS: atom_id res chain seq x y z
N THR A 84 -81.60 35.27 -7.24
CA THR A 84 -81.18 35.77 -5.92
C THR A 84 -81.30 34.67 -4.87
N LEU A 85 -80.65 33.54 -5.12
CA LEU A 85 -80.67 32.41 -4.22
C LEU A 85 -79.26 32.14 -3.70
N PRO A 86 -79.08 31.85 -2.41
CA PRO A 86 -77.73 31.56 -1.90
C PRO A 86 -77.10 30.43 -2.70
N PRO A 87 -75.84 30.57 -3.12
CA PRO A 87 -75.22 29.52 -3.94
C PRO A 87 -75.14 28.18 -3.25
N PHE A 88 -74.96 28.17 -1.92
CA PHE A 88 -74.79 26.94 -1.16
C PHE A 88 -73.37 26.42 -1.32
N LEU A 89 -73.00 25.37 -0.58
CA LEU A 89 -71.68 24.77 -0.64
C LEU A 89 -71.85 23.29 -0.98
N LEU A 90 -71.10 22.83 -2.00
CA LEU A 90 -71.24 21.48 -2.53
C LEU A 90 -69.84 20.88 -2.69
N ASP A 91 -69.02 21.00 -1.64
CA ASP A 91 -67.66 20.48 -1.49
C ASP A 91 -66.61 21.37 -2.14
N ALA A 92 -66.99 22.49 -2.75
CA ALA A 92 -66.01 23.43 -3.31
C ALA A 92 -65.57 24.40 -2.20
N ALA A 93 -64.74 23.87 -1.30
CA ALA A 93 -64.25 24.62 -0.16
C ALA A 93 -62.75 24.49 -0.06
N PRO A 94 -62.06 25.48 0.52
CA PRO A 94 -60.61 25.37 0.66
C PRO A 94 -60.23 24.28 1.64
N CYS A 95 -59.27 23.44 1.23
CA CYS A 95 -58.75 22.37 2.08
C CYS A 95 -57.66 22.95 2.96
N GLU A 96 -58.00 23.23 4.23
CA GLU A 96 -57.06 23.85 5.15
C GLU A 96 -56.22 22.79 5.85
N PRO A 97 -54.90 22.94 5.91
CA PRO A 97 -54.07 21.93 6.58
C PRO A 97 -54.32 21.91 8.08
N GLU A 98 -54.05 20.76 8.68
CA GLU A 98 -54.21 20.53 10.11
C GLU A 98 -52.85 20.59 10.78
N SER A 99 -52.77 21.34 11.89
CA SER A 99 -51.53 21.52 12.63
C SER A 99 -51.65 20.91 14.02
N LEU A 100 -50.57 20.27 14.47
CA LEU A 100 -50.51 19.68 15.80
C LEU A 100 -49.16 20.00 16.42
N GLU A 101 -49.12 20.00 17.75
CA GLU A 101 -47.92 20.34 18.49
C GLU A 101 -47.25 19.14 19.14
N ILE A 102 -48.00 18.07 19.44
CA ILE A 102 -47.39 16.87 20.01
C ILE A 102 -46.36 16.31 19.04
N ASN A 103 -46.72 16.25 17.75
CA ASN A 103 -45.78 15.77 16.75
C ASN A 103 -44.50 16.60 16.76
N LYS A 104 -44.62 17.91 17.03
CA LYS A 104 -43.44 18.76 17.07
C LYS A 104 -42.47 18.32 18.16
N TYR A 105 -42.99 18.15 19.38
CA TYR A 105 -42.12 17.76 20.50
C TYR A 105 -41.53 16.38 20.26
N PHE A 106 -42.35 15.44 19.76
CA PHE A 106 -41.84 14.11 19.46
C PHE A 106 -40.75 14.15 18.40
N VAL A 107 -40.94 14.96 17.36
CA VAL A 107 -39.94 15.08 16.31
C VAL A 107 -38.65 15.65 16.87
N VAL A 108 -38.75 16.65 17.73
CA VAL A 108 -37.54 17.22 18.33
C VAL A 108 -36.79 16.16 19.13
N ILE A 109 -37.51 15.40 19.95
CA ILE A 109 -36.85 14.39 20.77
C ILE A 109 -36.18 13.34 19.89
N ILE A 110 -36.90 12.87 18.86
CA ILE A 110 -36.36 11.83 17.99
C ILE A 110 -35.11 12.35 17.28
N TYR A 111 -35.17 13.58 16.76
CA TYR A 111 -34.03 14.13 16.05
C TYR A 111 -32.83 14.30 16.97
N ALA A 112 -33.05 14.76 18.20
CA ALA A 112 -31.93 14.91 19.13
C ALA A 112 -31.31 13.55 19.45
N LEU A 113 -32.14 12.55 19.71
CA LEU A 113 -31.63 11.21 20.00
C LEU A 113 -30.83 10.68 18.83
N VAL A 114 -31.37 10.82 17.61
CA VAL A 114 -30.68 10.35 16.42
C VAL A 114 -29.36 11.08 16.24
N PHE A 115 -29.35 12.41 16.44
CA PHE A 115 -28.12 13.17 16.33
C PHE A 115 -27.06 12.63 17.27
N LEU A 116 -27.41 12.46 18.55
CA LEU A 116 -26.42 12.00 19.51
C LEU A 116 -25.92 10.60 19.16
N LEU A 117 -26.82 9.69 18.83
CA LEU A 117 -26.41 8.32 18.54
C LEU A 117 -25.52 8.27 17.31
N SER A 118 -25.89 8.97 16.24
CA SER A 118 -25.08 8.96 15.03
C SER A 118 -23.72 9.58 15.30
N LEU A 119 -23.67 10.70 16.02
CA LEU A 119 -22.40 11.31 16.32
C LEU A 119 -21.48 10.35 17.06
N LEU A 120 -21.98 9.73 18.13
CA LEU A 120 -21.14 8.84 18.91
C LEU A 120 -20.69 7.64 18.08
N GLY A 121 -21.62 7.00 17.37
CA GLY A 121 -21.26 5.81 16.61
C GLY A 121 -20.25 6.09 15.51
N ASN A 122 -20.49 7.15 14.74
CA ASN A 122 -19.59 7.46 13.65
C ASN A 122 -18.23 7.91 14.16
N SER A 123 -18.20 8.65 15.28
CA SER A 123 -16.91 9.02 15.87
C SER A 123 -16.15 7.78 16.32
N LEU A 124 -16.84 6.82 16.94
CA LEU A 124 -16.15 5.60 17.37
C LEU A 124 -15.64 4.82 16.17
N VAL A 125 -16.42 4.72 15.10
CA VAL A 125 -15.97 3.98 13.92
C VAL A 125 -14.74 4.65 13.32
N MET A 126 -14.78 5.98 13.19
CA MET A 126 -13.63 6.69 12.65
C MET A 126 -12.40 6.49 13.52
N LEU A 127 -12.56 6.60 14.83
CA LEU A 127 -11.41 6.43 15.72
C LEU A 127 -10.84 5.02 15.61
N VAL A 128 -11.70 4.01 15.57
CA VAL A 128 -11.22 2.64 15.49
C VAL A 128 -10.45 2.42 14.20
N ILE A 129 -10.97 2.92 13.07
CA ILE A 129 -10.30 2.68 11.80
C ILE A 129 -8.99 3.46 11.73
N LEU A 130 -8.99 4.71 12.20
CA LEU A 130 -7.84 5.58 12.00
C LEU A 130 -6.76 5.42 13.06
N TYR A 131 -7.05 4.75 14.18
CA TYR A 131 -6.06 4.62 15.23
C TYR A 131 -4.85 3.82 14.76
N SER A 132 -5.08 2.74 14.03
CA SER A 132 -4.01 1.86 13.55
C SER A 132 -4.06 1.80 12.04
N ARG A 133 -2.90 2.02 11.40
CA ARG A 133 -2.79 1.94 9.95
C ARG A 133 -2.48 0.53 9.45
N VAL A 134 -2.37 -0.44 10.35
CA VAL A 134 -2.07 -1.81 9.96
C VAL A 134 -3.35 -2.52 9.54
N GLY A 135 -3.27 -3.26 8.45
CA GLY A 135 -4.43 -4.01 7.97
C GLY A 135 -5.56 -3.15 7.48
N ARG A 136 -5.26 -2.07 6.74
CA ARG A 136 -6.28 -1.20 6.17
C ARG A 136 -6.72 -1.80 4.84
N SER A 137 -7.86 -2.50 4.86
CA SER A 137 -8.37 -3.19 3.70
C SER A 137 -9.39 -2.32 2.97
N VAL A 138 -9.94 -2.87 1.88
CA VAL A 138 -10.93 -2.13 1.10
C VAL A 138 -12.15 -1.80 1.93
N THR A 139 -12.63 -2.77 2.71
CA THR A 139 -13.80 -2.54 3.55
C THR A 139 -13.55 -1.41 4.54
N ASP A 140 -12.31 -1.28 5.02
CA ASP A 140 -12.00 -0.20 5.94
C ASP A 140 -12.18 1.16 5.26
N VAL A 141 -11.71 1.29 4.02
CA VAL A 141 -11.87 2.56 3.30
C VAL A 141 -13.35 2.85 3.08
N TYR A 142 -14.10 1.85 2.65
CA TYR A 142 -15.53 2.04 2.40
C TYR A 142 -16.23 2.47 3.68
N LEU A 143 -15.91 1.82 4.80
CA LEU A 143 -16.54 2.16 6.07
C LEU A 143 -16.14 3.56 6.52
N LEU A 144 -14.90 3.96 6.28
CA LEU A 144 -14.48 5.32 6.62
C LEU A 144 -15.30 6.35 5.86
N ASN A 145 -15.46 6.14 4.55
CA ASN A 145 -16.24 7.08 3.76
C ASN A 145 -17.69 7.12 4.23
N LEU A 146 -18.26 5.94 4.49
CA LEU A 146 -19.65 5.88 4.96
C LEU A 146 -19.80 6.58 6.30
N ALA A 147 -18.84 6.40 7.20
CA ALA A 147 -18.89 7.05 8.50
C ALA A 147 -18.83 8.56 8.35
N LEU A 148 -17.96 9.05 7.46
CA LEU A 148 -17.90 10.50 7.24
C LEU A 148 -19.24 11.02 6.73
N ALA A 149 -19.83 10.34 5.75
CA ALA A 149 -21.11 10.79 5.22
C ALA A 149 -22.18 10.82 6.30
N ASP A 150 -22.29 9.74 7.08
CA ASP A 150 -23.30 9.68 8.12
C ASP A 150 -23.06 10.75 9.19
N LEU A 151 -21.79 11.00 9.54
CA LEU A 151 -21.48 12.01 10.53
C LEU A 151 -21.91 13.39 10.06
N LEU A 152 -21.65 13.71 8.79
CA LEU A 152 -22.07 15.00 8.27
C LEU A 152 -23.59 15.12 8.26
N PHE A 153 -24.28 14.04 7.86
CA PHE A 153 -25.74 14.07 7.88
C PHE A 153 -26.26 14.34 9.29
N ALA A 154 -25.74 13.61 10.28
CA ALA A 154 -26.17 13.81 11.65
C ALA A 154 -25.85 15.22 12.13
N LEU A 155 -24.69 15.74 11.78
CA LEU A 155 -24.30 17.10 12.14
C LEU A 155 -25.24 18.14 11.57
N THR A 156 -25.77 17.91 10.38
CA THR A 156 -26.78 18.80 9.81
C THR A 156 -28.17 18.63 10.41
N LEU A 157 -28.48 17.46 10.98
CA LEU A 157 -29.84 17.23 11.47
C LEU A 157 -30.39 18.31 12.40
N PRO A 158 -29.66 18.79 13.41
CA PRO A 158 -30.30 19.67 14.42
C PRO A 158 -30.97 20.91 13.85
N ILE A 159 -30.35 21.56 12.86
CA ILE A 159 -30.98 22.72 12.25
C ILE A 159 -32.26 22.31 11.54
N TRP A 160 -32.27 21.11 10.96
CA TRP A 160 -33.49 20.60 10.36
C TRP A 160 -34.59 20.41 11.41
N ALA A 161 -34.21 19.91 12.58
CA ALA A 161 -35.20 19.75 13.66
C ALA A 161 -35.76 21.11 14.07
N ALA A 162 -34.89 22.11 14.22
CA ALA A 162 -35.37 23.44 14.59
C ALA A 162 -36.31 24.01 13.51
N SER A 163 -35.95 23.80 12.24
CA SER A 163 -36.81 24.24 11.15
C SER A 163 -38.18 23.57 11.22
N LYS A 164 -38.20 22.26 11.44
CA LYS A 164 -39.47 21.56 11.64
C LYS A 164 -40.26 22.19 12.78
N VAL A 165 -39.56 22.59 13.84
CA VAL A 165 -40.25 23.19 14.99
C VAL A 165 -40.93 24.49 14.59
N ASN A 166 -40.19 25.38 13.94
CA ASN A 166 -40.68 26.73 13.68
C ASN A 166 -40.45 27.21 12.25
N GLY A 167 -40.38 26.33 11.28
CA GLY A 167 -40.14 26.74 9.91
C GLY A 167 -38.76 27.34 9.75
N TRP A 168 -38.42 27.64 8.50
CA TRP A 168 -37.10 28.13 8.17
C TRP A 168 -37.05 29.63 8.44
N ILE A 169 -36.33 30.01 9.51
CA ILE A 169 -36.10 31.41 9.86
C ILE A 169 -34.64 31.79 9.68
N PHE A 170 -33.81 30.86 9.21
CA PHE A 170 -32.36 31.03 9.24
C PHE A 170 -31.81 31.72 8.00
N GLY A 171 -32.62 31.98 6.99
CA GLY A 171 -32.21 32.71 5.82
C GLY A 171 -32.02 31.81 4.61
N THR A 172 -31.82 32.46 3.47
CA THR A 172 -31.67 31.76 2.19
C THR A 172 -30.33 31.06 2.08
N PHE A 173 -29.24 31.74 2.47
CA PHE A 173 -27.92 31.16 2.31
C PHE A 173 -27.77 29.88 3.12
N LEU A 174 -28.24 29.89 4.36
CA LEU A 174 -28.17 28.68 5.17
C LEU A 174 -29.07 27.59 4.59
N CYS A 175 -30.24 27.95 4.09
CA CYS A 175 -31.08 26.96 3.43
C CYS A 175 -30.31 26.26 2.32
N LYS A 176 -29.70 27.04 1.42
CA LYS A 176 -28.96 26.45 0.32
C LYS A 176 -27.82 25.56 0.82
N VAL A 177 -26.99 26.09 1.73
CA VAL A 177 -25.80 25.36 2.15
C VAL A 177 -26.18 24.07 2.87
N VAL A 178 -27.12 24.16 3.82
CA VAL A 178 -27.53 23.00 4.59
C VAL A 178 -28.17 21.96 3.70
N SER A 179 -29.04 22.38 2.77
CA SER A 179 -29.68 21.42 1.88
C SER A 179 -28.64 20.74 1.00
N LEU A 180 -27.65 21.50 0.50
CA LEU A 180 -26.59 20.90 -0.29
C LEU A 180 -25.85 19.84 0.50
N LEU A 181 -25.45 20.18 1.73
CA LEU A 181 -24.70 19.22 2.54
C LEU A 181 -25.53 17.97 2.80
N LYS A 182 -26.79 18.15 3.17
CA LYS A 182 -27.64 17.02 3.49
C LYS A 182 -27.81 16.09 2.29
N GLU A 183 -28.11 16.66 1.12
CA GLU A 183 -28.37 15.83 -0.05
C GLU A 183 -27.09 15.17 -0.54
N VAL A 184 -25.97 15.89 -0.48
CA VAL A 184 -24.70 15.29 -0.88
C VAL A 184 -24.40 14.08 -0.01
N ASN A 185 -24.57 14.23 1.32
CA ASN A 185 -24.27 13.12 2.21
C ASN A 185 -25.25 11.96 2.01
N PHE A 186 -26.52 12.27 1.74
CA PHE A 186 -27.50 11.21 1.49
C PHE A 186 -27.11 10.40 0.26
N TYR A 187 -26.84 11.08 -0.85
CA TYR A 187 -26.45 10.38 -2.07
C TYR A 187 -25.16 9.59 -1.85
N SER A 188 -24.19 10.19 -1.16
CA SER A 188 -22.93 9.49 -0.91
C SER A 188 -23.16 8.23 -0.09
N GLY A 189 -23.99 8.31 0.94
CA GLY A 189 -24.25 7.12 1.75
C GLY A 189 -24.89 6.01 0.94
N ILE A 190 -25.91 6.36 0.14
CA ILE A 190 -26.59 5.32 -0.64
C ILE A 190 -25.61 4.68 -1.62
N LEU A 191 -24.85 5.50 -2.34
CA LEU A 191 -23.95 4.96 -3.35
C LEU A 191 -22.82 4.18 -2.70
N LEU A 192 -22.39 4.55 -1.49
CA LEU A 192 -21.38 3.78 -0.80
C LEU A 192 -21.93 2.43 -0.35
N LEU A 193 -23.19 2.37 0.06
CA LEU A 193 -23.80 1.07 0.35
C LEU A 193 -23.80 0.20 -0.90
N ALA A 194 -24.16 0.78 -2.04
CA ALA A 194 -24.13 0.01 -3.29
C ALA A 194 -22.72 -0.48 -3.61
N CYS A 195 -21.71 0.39 -3.42
CA CYS A 195 -20.33 0.00 -3.70
C CYS A 195 -19.87 -1.12 -2.77
N ILE A 196 -20.24 -1.05 -1.49
CA ILE A 196 -19.90 -2.12 -0.57
C ILE A 196 -20.54 -3.42 -1.01
N SER A 197 -21.79 -3.36 -1.47
CA SER A 197 -22.45 -4.56 -1.96
C SER A 197 -21.69 -5.16 -3.15
N VAL A 198 -21.27 -4.31 -4.09
CA VAL A 198 -20.51 -4.79 -5.23
C VAL A 198 -19.19 -5.41 -4.78
N ASP A 199 -18.53 -4.77 -3.81
CA ASP A 199 -17.27 -5.27 -3.31
C ASP A 199 -17.44 -6.68 -2.71
N ARG A 200 -18.48 -6.86 -1.90
CA ARG A 200 -18.73 -8.18 -1.33
C ARG A 200 -19.05 -9.20 -2.42
N TYR A 201 -19.85 -8.80 -3.42
CA TYR A 201 -20.13 -9.70 -4.53
C TYR A 201 -18.84 -10.19 -5.17
N LEU A 202 -17.93 -9.26 -5.48
CA LEU A 202 -16.67 -9.66 -6.11
C LEU A 202 -15.83 -10.51 -5.17
N ALA A 203 -15.87 -10.22 -3.87
CA ALA A 203 -14.99 -10.91 -2.94
C ALA A 203 -15.45 -12.34 -2.68
N ILE A 204 -16.75 -12.61 -2.84
CA ILE A 204 -17.28 -13.94 -2.53
C ILE A 204 -17.55 -14.72 -3.81
N VAL A 205 -18.40 -14.19 -4.68
CA VAL A 205 -18.84 -14.96 -5.85
C VAL A 205 -17.65 -15.27 -6.77
N HIS A 206 -16.81 -14.27 -7.01
CA HIS A 206 -15.64 -14.42 -7.88
C HIS A 206 -14.35 -14.52 -7.09
N ALA A 207 -14.37 -15.25 -5.97
CA ALA A 207 -13.22 -15.27 -5.07
C ALA A 207 -11.97 -15.80 -5.78
N THR A 208 -12.12 -16.87 -6.56
CA THR A 208 -10.97 -17.51 -7.18
C THR A 208 -10.62 -16.94 -8.54
N ARG A 209 -11.52 -16.18 -9.16
CA ARG A 209 -11.29 -15.68 -10.50
C ARG A 209 -10.35 -14.48 -10.47
N THR A 210 -9.98 -13.98 -11.65
CA THR A 210 -9.08 -12.85 -11.78
C THR A 210 -9.80 -11.51 -11.68
N LEU A 211 -11.14 -11.51 -11.67
CA LEU A 211 -11.87 -10.26 -11.56
C LEU A 211 -11.76 -9.66 -10.17
N THR A 212 -11.53 -10.49 -9.15
CA THR A 212 -11.43 -10.00 -7.78
C THR A 212 -10.32 -8.96 -7.62
N GLN A 213 -9.30 -9.01 -8.47
CA GLN A 213 -8.20 -8.06 -8.40
C GLN A 213 -8.62 -6.64 -8.76
N LYS A 214 -9.82 -6.44 -9.31
CA LYS A 214 -10.29 -5.13 -9.74
C LYS A 214 -10.95 -4.35 -8.60
N ARG A 215 -10.95 -4.86 -7.38
CA ARG A 215 -11.56 -4.21 -6.24
C ARG A 215 -10.54 -3.44 -5.40
N TYR A 216 -9.30 -3.32 -5.85
CA TYR A 216 -8.29 -2.54 -5.17
C TYR A 216 -8.26 -1.08 -5.62
N LEU A 217 -9.34 -0.60 -6.25
CA LEU A 217 -9.48 0.79 -6.67
C LEU A 217 -10.41 1.57 -5.76
N VAL A 218 -10.34 1.30 -4.45
CA VAL A 218 -11.30 1.88 -3.51
C VAL A 218 -11.21 3.39 -3.52
N LYS A 219 -10.00 3.94 -3.51
CA LYS A 219 -9.85 5.39 -3.41
C LYS A 219 -10.52 6.10 -4.59
N PHE A 220 -10.22 5.65 -5.80
CA PHE A 220 -10.79 6.29 -6.98
C PHE A 220 -12.30 6.12 -7.05
N ILE A 221 -12.79 4.92 -6.69
CA ILE A 221 -14.23 4.69 -6.71
C ILE A 221 -14.94 5.60 -5.71
N CYS A 222 -14.39 5.71 -4.51
CA CYS A 222 -14.99 6.60 -3.51
C CYS A 222 -14.97 8.05 -3.98
N LEU A 223 -13.86 8.49 -4.56
CA LEU A 223 -13.78 9.86 -5.06
C LEU A 223 -14.82 10.09 -6.15
N SER A 224 -14.99 9.12 -7.05
CA SER A 224 -15.98 9.25 -8.11
C SER A 224 -17.40 9.30 -7.53
N ILE A 225 -17.66 8.49 -6.50
CA ILE A 225 -18.99 8.52 -5.88
C ILE A 225 -19.24 9.89 -5.25
N TRP A 226 -18.25 10.43 -4.55
CA TRP A 226 -18.42 11.77 -3.97
C TRP A 226 -18.67 12.81 -5.05
N GLY A 227 -17.92 12.74 -6.15
CA GLY A 227 -18.13 13.68 -7.23
C GLY A 227 -19.52 13.57 -7.85
N LEU A 228 -20.00 12.34 -8.04
CA LEU A 228 -21.33 12.15 -8.59
C LEU A 228 -22.40 12.68 -7.65
N SER A 229 -22.22 12.46 -6.35
CA SER A 229 -23.16 13.02 -5.37
C SER A 229 -23.17 14.54 -5.44
N LEU A 230 -22.00 15.16 -5.51
CA LEU A 230 -21.94 16.61 -5.62
C LEU A 230 -22.63 17.09 -6.90
N LEU A 231 -22.44 16.37 -8.01
CA LEU A 231 -23.11 16.74 -9.25
C LEU A 231 -24.62 16.64 -9.10
N LEU A 232 -25.12 15.56 -8.50
CA LEU A 232 -26.55 15.35 -8.37
C LEU A 232 -27.20 16.26 -7.35
N ALA A 233 -26.43 16.85 -6.43
CA ALA A 233 -26.98 17.73 -5.42
C ALA A 233 -27.02 19.19 -5.86
N LEU A 234 -26.59 19.49 -7.08
CA LEU A 234 -26.56 20.86 -7.57
C LEU A 234 -27.95 21.49 -7.62
N PRO A 235 -28.96 20.78 -8.13
CA PRO A 235 -30.29 21.40 -8.24
C PRO A 235 -30.80 21.95 -6.92
N VAL A 236 -30.50 21.28 -5.80
CA VAL A 236 -30.87 21.80 -4.50
C VAL A 236 -30.19 23.14 -4.25
N LEU A 237 -28.89 23.24 -4.55
CA LEU A 237 -28.19 24.50 -4.33
C LEU A 237 -28.75 25.60 -5.20
N LEU A 238 -29.04 25.32 -6.47
CA LEU A 238 -29.37 26.38 -7.42
C LEU A 238 -30.78 26.91 -7.20
N PHE A 239 -31.74 26.04 -6.94
CA PHE A 239 -33.16 26.40 -7.04
C PHE A 239 -33.87 26.41 -5.69
N ARG A 240 -33.16 26.68 -4.60
CA ARG A 240 -33.75 26.68 -3.27
C ARG A 240 -33.62 28.06 -2.64
N ARG A 241 -34.62 28.43 -1.84
CA ARG A 241 -34.65 29.68 -1.11
C ARG A 241 -35.75 29.59 -0.06
N THR A 242 -36.06 30.72 0.57
CA THR A 242 -37.11 30.79 1.56
C THR A 242 -38.41 31.20 0.89
N VAL A 243 -39.45 30.40 1.06
CA VAL A 243 -40.77 30.66 0.52
C VAL A 243 -41.69 31.04 1.67
N TYR A 244 -42.33 32.19 1.54
CA TYR A 244 -43.28 32.70 2.52
C TYR A 244 -44.69 32.49 2.00
N SER A 245 -45.38 31.50 2.57
CA SER A 245 -46.76 31.21 2.21
C SER A 245 -47.69 31.79 3.28
N SER A 246 -48.99 31.63 3.04
CA SER A 246 -50.00 32.16 3.96
C SER A 246 -50.48 31.12 4.96
N ASN A 247 -50.87 29.94 4.49
CA ASN A 247 -51.41 28.92 5.39
C ASN A 247 -50.32 28.27 6.22
N VAL A 248 -49.06 28.39 5.82
CA VAL A 248 -47.96 27.67 6.44
C VAL A 248 -46.84 28.63 6.78
N SER A 249 -45.99 28.21 7.72
CA SER A 249 -44.81 28.97 8.12
C SER A 249 -43.77 28.94 7.01
N PRO A 250 -42.79 29.84 7.03
CA PRO A 250 -41.82 29.89 5.94
C PRO A 250 -41.08 28.57 5.78
N ALA A 251 -40.76 28.23 4.54
CA ALA A 251 -40.15 26.94 4.24
C ALA A 251 -38.94 27.12 3.34
N CYS A 252 -37.88 26.35 3.63
CA CYS A 252 -36.73 26.27 2.74
C CYS A 252 -37.10 25.39 1.54
N TYR A 253 -37.76 26.02 0.58
CA TYR A 253 -38.39 25.34 -0.53
C TYR A 253 -37.65 25.66 -1.82
N GLU A 254 -38.18 25.17 -2.95
CA GLU A 254 -37.65 25.45 -4.26
C GLU A 254 -38.49 26.51 -4.95
N ASP A 255 -37.83 27.46 -5.60
CA ASP A 255 -38.49 28.55 -6.33
C ASP A 255 -37.94 28.54 -7.76
N MET A 256 -38.57 27.74 -8.62
CA MET A 256 -38.17 27.62 -10.01
C MET A 256 -39.08 28.41 -10.95
N GLY A 257 -39.96 29.25 -10.42
CA GLY A 257 -40.79 30.14 -11.21
C GLY A 257 -42.25 29.82 -11.03
N ASN A 258 -43.07 30.42 -11.89
CA ASN A 258 -44.52 30.22 -11.82
C ASN A 258 -44.89 28.75 -11.95
N ASN A 259 -44.09 27.97 -12.67
CA ASN A 259 -44.33 26.56 -12.91
C ASN A 259 -43.51 25.67 -11.99
N THR A 260 -43.32 26.09 -10.73
CA THR A 260 -42.39 25.40 -9.85
C THR A 260 -42.83 23.97 -9.55
N ALA A 261 -44.14 23.71 -9.48
CA ALA A 261 -44.61 22.39 -9.10
C ALA A 261 -44.12 21.33 -10.08
N ASN A 262 -44.26 21.59 -11.38
CA ASN A 262 -43.87 20.61 -12.38
C ASN A 262 -42.37 20.38 -12.37
N TRP A 263 -41.58 21.44 -12.25
CA TRP A 263 -40.13 21.29 -12.20
C TRP A 263 -39.71 20.52 -10.96
N ARG A 264 -40.37 20.74 -9.83
CA ARG A 264 -40.08 19.98 -8.63
C ARG A 264 -40.41 18.51 -8.82
N MET A 265 -41.55 18.21 -9.45
CA MET A 265 -41.91 16.83 -9.73
C MET A 265 -40.85 16.16 -10.60
N LEU A 266 -40.39 16.87 -11.64
CA LEU A 266 -39.33 16.32 -12.48
C LEU A 266 -38.04 16.09 -11.70
N LEU A 267 -37.62 17.09 -10.92
CA LEU A 267 -36.38 16.96 -10.16
C LEU A 267 -36.46 15.82 -9.16
N ARG A 268 -37.67 15.45 -8.74
CA ARG A 268 -37.81 14.30 -7.85
C ARG A 268 -37.39 13.00 -8.51
N ILE A 269 -37.22 12.98 -9.84
CA ILE A 269 -36.83 11.75 -10.52
C ILE A 269 -35.44 11.31 -10.09
N LEU A 270 -34.52 12.26 -9.89
CA LEU A 270 -33.15 11.91 -9.51
C LEU A 270 -33.10 11.19 -8.17
N PRO A 271 -33.67 11.70 -7.09
CA PRO A 271 -33.59 10.96 -5.81
C PRO A 271 -34.22 9.58 -5.87
N GLN A 272 -35.25 9.39 -6.68
CA GLN A 272 -35.93 8.10 -6.76
C GLN A 272 -35.31 7.15 -7.77
N SER A 273 -34.37 7.61 -8.58
CA SER A 273 -33.71 6.76 -9.58
C SER A 273 -32.28 6.44 -9.20
N PHE A 274 -31.45 7.45 -8.92
CA PHE A 274 -30.09 7.24 -8.44
C PHE A 274 -30.02 7.14 -6.92
N GLY A 275 -31.16 7.15 -6.24
CA GLY A 275 -31.18 7.06 -4.80
C GLY A 275 -31.89 5.83 -4.27
N PHE A 276 -32.93 5.37 -4.99
CA PHE A 276 -33.65 4.18 -4.56
C PHE A 276 -33.56 3.03 -5.55
N ILE A 277 -33.93 3.27 -6.81
CA ILE A 277 -34.12 2.15 -7.74
C ILE A 277 -32.77 1.54 -8.13
N VAL A 278 -31.82 2.36 -8.57
CA VAL A 278 -30.54 1.83 -9.01
C VAL A 278 -29.79 1.17 -7.87
N PRO A 279 -29.57 1.84 -6.72
CA PRO A 279 -28.92 1.14 -5.60
C PRO A 279 -29.67 -0.10 -5.15
N LEU A 280 -31.01 -0.05 -5.14
CA LEU A 280 -31.78 -1.20 -4.70
C LEU A 280 -31.55 -2.38 -5.63
N LEU A 281 -31.59 -2.16 -6.94
CA LEU A 281 -31.36 -3.25 -7.88
C LEU A 281 -29.95 -3.79 -7.76
N ILE A 282 -28.96 -2.91 -7.64
CA ILE A 282 -27.58 -3.37 -7.51
C ILE A 282 -27.42 -4.23 -6.27
N MET A 283 -27.94 -3.75 -5.14
CA MET A 283 -27.83 -4.50 -3.89
C MET A 283 -28.56 -5.83 -3.97
N LEU A 284 -29.77 -5.83 -4.53
CA LEU A 284 -30.52 -7.09 -4.62
C LEU A 284 -29.77 -8.10 -5.47
N PHE A 285 -29.29 -7.68 -6.64
CA PHE A 285 -28.54 -8.60 -7.50
C PHE A 285 -27.31 -9.15 -6.78
N CYS A 286 -26.49 -8.25 -6.24
CA CYS A 286 -25.23 -8.67 -5.64
C CYS A 286 -25.46 -9.59 -4.45
N TYR A 287 -26.37 -9.21 -3.55
CA TYR A 287 -26.58 -10.00 -2.35
C TYR A 287 -27.31 -11.30 -2.65
N GLY A 288 -28.19 -11.32 -3.66
CA GLY A 288 -28.81 -12.58 -4.04
C GLY A 288 -27.80 -13.57 -4.55
N PHE A 289 -26.89 -13.13 -5.43
CA PHE A 289 -25.88 -14.06 -5.92
C PHE A 289 -24.90 -14.44 -4.82
N THR A 290 -24.58 -13.50 -3.92
CA THR A 290 -23.72 -13.84 -2.79
C THR A 290 -24.35 -14.90 -1.91
N LEU A 291 -25.65 -14.77 -1.61
CA LEU A 291 -26.33 -15.77 -0.82
C LEU A 291 -26.39 -17.10 -1.55
N ARG A 292 -26.60 -17.07 -2.87
CA ARG A 292 -26.63 -18.32 -3.62
C ARG A 292 -25.29 -19.04 -3.54
N THR A 293 -24.19 -18.30 -3.63
CA THR A 293 -22.88 -18.94 -3.51
C THR A 293 -22.63 -19.43 -2.09
N LEU A 294 -23.03 -18.65 -1.08
CA LEU A 294 -22.79 -19.04 0.29
C LEU A 294 -23.57 -20.29 0.68
N PHE A 295 -24.82 -20.40 0.25
CA PHE A 295 -25.64 -21.55 0.61
C PHE A 295 -25.05 -22.84 0.07
N LYS A 296 -24.29 -22.78 -1.01
CA LYS A 296 -23.70 -23.94 -1.65
C LYS A 296 -22.37 -24.36 -1.02
N ALA A 297 -21.75 -23.50 -0.24
CA ALA A 297 -20.44 -23.78 0.35
C ALA A 297 -20.59 -24.67 1.58
N HIS A 298 -19.46 -25.08 2.13
CA HIS A 298 -19.41 -25.96 3.29
C HIS A 298 -18.74 -25.33 4.50
N MET A 299 -18.61 -24.00 4.53
CA MET A 299 -17.92 -23.35 5.63
C MET A 299 -18.76 -23.42 6.90
N GLY A 300 -18.10 -23.18 8.04
CA GLY A 300 -18.82 -23.13 9.30
C GLY A 300 -19.42 -21.78 9.60
N GLN A 301 -19.02 -20.76 8.85
CA GLN A 301 -19.49 -19.38 9.07
C GLN A 301 -20.50 -18.93 8.03
N LYS A 302 -21.05 -19.85 7.24
CA LYS A 302 -22.03 -19.45 6.22
C LYS A 302 -23.26 -18.83 6.85
N HIS A 303 -23.75 -19.42 7.94
CA HIS A 303 -25.02 -18.98 8.51
C HIS A 303 -24.96 -17.52 8.96
N ARG A 304 -23.90 -17.14 9.67
CA ARG A 304 -23.82 -15.78 10.18
C ARG A 304 -23.73 -14.77 9.04
N ALA A 305 -22.95 -15.09 8.00
CA ALA A 305 -22.87 -14.18 6.86
C ALA A 305 -24.22 -14.04 6.17
N MET A 306 -24.95 -15.14 6.01
CA MET A 306 -26.28 -15.06 5.40
C MET A 306 -27.20 -14.20 6.24
N ARG A 307 -27.19 -14.39 7.56
CA ARG A 307 -28.05 -13.57 8.42
C ARG A 307 -27.68 -12.10 8.33
N VAL A 308 -26.38 -11.80 8.27
CA VAL A 308 -25.94 -10.42 8.16
C VAL A 308 -26.43 -9.81 6.86
N ILE A 309 -26.32 -10.56 5.75
CA ILE A 309 -26.79 -10.04 4.47
C ILE A 309 -28.28 -9.77 4.51
N PHE A 310 -29.06 -10.71 5.06
CA PHE A 310 -30.50 -10.50 5.17
C PHE A 310 -30.80 -9.28 6.03
N ALA A 311 -30.09 -9.11 7.14
CA ALA A 311 -30.32 -7.97 8.00
C ALA A 311 -30.03 -6.66 7.28
N VAL A 312 -28.93 -6.62 6.52
CA VAL A 312 -28.58 -5.40 5.79
C VAL A 312 -29.66 -5.06 4.78
N VAL A 313 -30.11 -6.07 4.01
CA VAL A 313 -31.11 -5.81 2.97
C VAL A 313 -32.41 -5.35 3.60
N LEU A 314 -32.85 -6.02 4.67
CA LEU A 314 -34.10 -5.64 5.31
C LEU A 314 -34.01 -4.26 5.95
N ILE A 315 -32.85 -3.92 6.52
CA ILE A 315 -32.69 -2.60 7.10
C ILE A 315 -32.79 -1.53 6.01
N PHE A 316 -32.13 -1.75 4.88
CA PHE A 316 -32.20 -0.78 3.78
C PHE A 316 -33.64 -0.62 3.31
N LEU A 317 -34.35 -1.73 3.13
CA LEU A 317 -35.73 -1.65 2.67
C LEU A 317 -36.59 -0.90 3.69
N LEU A 318 -36.56 -1.33 4.95
CA LEU A 318 -37.36 -0.67 5.97
C LEU A 318 -37.06 0.82 6.03
N CYS A 319 -35.80 1.21 5.82
CA CYS A 319 -35.43 2.62 5.95
C CYS A 319 -35.93 3.44 4.77
N TRP A 320 -35.82 2.93 3.54
CA TRP A 320 -36.01 3.77 2.37
C TRP A 320 -37.26 3.49 1.55
N LEU A 321 -37.80 2.26 1.58
CA LEU A 321 -38.98 1.95 0.77
C LEU A 321 -40.18 2.79 1.14
N PRO A 322 -40.55 2.95 2.42
CA PRO A 322 -41.77 3.72 2.73
C PRO A 322 -41.72 5.15 2.23
N TYR A 323 -40.59 5.84 2.41
CA TYR A 323 -40.49 7.22 1.98
C TYR A 323 -40.68 7.35 0.47
N ASN A 324 -40.02 6.47 -0.28
CA ASN A 324 -40.16 6.53 -1.74
C ASN A 324 -41.57 6.15 -2.18
N LEU A 325 -42.20 5.19 -1.51
CA LEU A 325 -43.58 4.85 -1.85
C LEU A 325 -44.51 6.04 -1.63
N VAL A 326 -44.36 6.74 -0.50
CA VAL A 326 -45.22 7.89 -0.23
C VAL A 326 -44.92 9.02 -1.21
N LEU A 327 -43.64 9.20 -1.57
CA LEU A 327 -43.30 10.22 -2.54
C LEU A 327 -43.93 9.93 -3.90
N LEU A 328 -43.89 8.66 -4.33
CA LEU A 328 -44.54 8.29 -5.58
C LEU A 328 -46.04 8.49 -5.49
N ALA A 329 -46.64 8.18 -4.34
CA ALA A 329 -48.07 8.42 -4.17
C ALA A 329 -48.40 9.89 -4.32
N ASP A 330 -47.59 10.76 -3.71
CA ASP A 330 -47.81 12.20 -3.85
C ASP A 330 -47.66 12.64 -5.30
N THR A 331 -46.63 12.13 -5.98
CA THR A 331 -46.43 12.50 -7.38
C THR A 331 -47.61 12.08 -8.23
N LEU A 332 -48.16 10.89 -7.98
CA LEU A 332 -49.33 10.45 -8.71
C LEU A 332 -50.55 11.31 -8.38
N MET A 333 -50.70 11.70 -7.12
CA MET A 333 -51.84 12.52 -6.73
C MET A 333 -51.79 13.88 -7.42
N ARG A 334 -50.61 14.50 -7.48
CA ARG A 334 -50.51 15.80 -8.15
C ARG A 334 -50.85 15.70 -9.63
N THR A 335 -50.42 14.62 -10.29
CA THR A 335 -50.63 14.45 -11.72
C THR A 335 -52.05 14.02 -12.07
N GLN A 336 -52.91 13.83 -11.07
CA GLN A 336 -54.31 13.44 -11.24
C GLN A 336 -54.47 12.00 -11.72
N VAL A 337 -53.39 11.22 -11.73
CA VAL A 337 -53.53 9.79 -12.00
C VAL A 337 -54.42 9.15 -10.95
N ILE A 338 -54.28 9.56 -9.70
CA ILE A 338 -55.17 9.17 -8.62
C ILE A 338 -56.00 10.38 -8.24
N GLN A 339 -57.21 10.11 -7.73
CA GLN A 339 -58.09 11.19 -7.34
C GLN A 339 -57.50 11.98 -6.16
N GLU A 340 -57.82 13.27 -6.12
CA GLU A 340 -57.29 14.18 -5.12
C GLU A 340 -58.41 14.66 -4.21
N THR A 341 -58.18 14.58 -2.90
CA THR A 341 -59.14 15.05 -1.91
C THR A 341 -58.38 15.51 -0.67
N CYS A 342 -59.05 16.32 0.15
CA CYS A 342 -58.40 16.87 1.33
C CYS A 342 -57.96 15.77 2.29
N GLU A 343 -58.79 14.74 2.49
CA GLU A 343 -58.42 13.64 3.37
C GLU A 343 -57.11 13.00 2.91
N ARG A 344 -57.02 12.69 1.61
CA ARG A 344 -55.82 12.04 1.09
C ARG A 344 -54.61 12.95 1.20
N ARG A 345 -54.79 14.25 0.99
CA ARG A 345 -53.68 15.18 1.12
C ARG A 345 -53.14 15.20 2.54
N ASN A 346 -54.05 15.27 3.53
CA ASN A 346 -53.62 15.26 4.92
C ASN A 346 -52.91 13.95 5.27
N HIS A 347 -53.48 12.83 4.81
CA HIS A 347 -52.87 11.54 5.08
C HIS A 347 -51.48 11.46 4.47
N ILE A 348 -51.32 11.98 3.24
CA ILE A 348 -50.02 11.93 2.58
C ILE A 348 -49.01 12.79 3.34
N ASP A 349 -49.43 13.96 3.81
CA ASP A 349 -48.51 14.81 4.58
C ASP A 349 -48.06 14.09 5.84
N ARG A 350 -49.01 13.49 6.58
CA ARG A 350 -48.65 12.78 7.80
C ARG A 350 -47.71 11.61 7.50
N ALA A 351 -48.00 10.86 6.44
CA ALA A 351 -47.16 9.73 6.07
C ALA A 351 -45.77 10.20 5.67
N LEU A 352 -45.68 11.32 4.96
CA LEU A 352 -44.38 11.86 4.58
C LEU A 352 -43.56 12.20 5.81
N ASP A 353 -44.17 12.86 6.79
CA ASP A 353 -43.45 13.20 8.01
C ASP A 353 -42.97 11.94 8.72
N ALA A 354 -43.87 10.97 8.91
CA ALA A 354 -43.51 9.75 9.62
C ALA A 354 -42.40 9.00 8.90
N THR A 355 -42.49 8.91 7.57
CA THR A 355 -41.49 8.16 6.80
C THR A 355 -40.16 8.88 6.77
N GLU A 356 -40.15 10.21 6.75
CA GLU A 356 -38.89 10.93 6.87
C GLU A 356 -38.22 10.64 8.21
N ILE A 357 -39.00 10.66 9.29
CA ILE A 357 -38.47 10.33 10.60
C ILE A 357 -37.90 8.91 10.58
N LEU A 358 -38.64 7.98 10.00
CA LEU A 358 -38.20 6.58 9.96
C LEU A 358 -36.90 6.43 9.16
N GLY A 359 -36.81 7.11 8.02
CA GLY A 359 -35.64 6.96 7.17
C GLY A 359 -34.41 7.64 7.71
N ILE A 360 -34.58 8.64 8.58
CA ILE A 360 -33.44 9.31 9.18
C ILE A 360 -32.60 8.38 10.06
N LEU A 361 -33.12 7.21 10.42
CA LEU A 361 -32.43 6.30 11.33
C LEU A 361 -31.23 5.60 10.70
N HIS A 362 -31.03 5.71 9.39
CA HIS A 362 -29.91 5.03 8.75
C HIS A 362 -28.57 5.53 9.27
N SER A 363 -28.44 6.82 9.55
CA SER A 363 -27.18 7.36 10.05
C SER A 363 -26.78 6.74 11.38
N CYS A 364 -27.75 6.31 12.20
CA CYS A 364 -27.46 5.62 13.45
C CYS A 364 -27.31 4.12 13.28
N LEU A 365 -28.05 3.51 12.35
CA LEU A 365 -28.04 2.07 12.21
C LEU A 365 -26.91 1.56 11.34
N ASN A 366 -26.28 2.41 10.52
CA ASN A 366 -25.17 1.94 9.70
C ASN A 366 -23.97 1.48 10.52
N PRO A 367 -23.50 2.22 11.53
CA PRO A 367 -22.34 1.74 12.29
C PRO A 367 -22.55 0.38 12.91
N LEU A 368 -23.74 0.08 13.41
CA LEU A 368 -23.99 -1.23 13.99
C LEU A 368 -24.09 -2.31 12.92
N ILE A 369 -24.78 -2.01 11.82
CA ILE A 369 -25.04 -3.03 10.81
C ILE A 369 -23.76 -3.39 10.06
N TYR A 370 -22.96 -2.40 9.67
CA TYR A 370 -21.82 -2.65 8.80
C TYR A 370 -20.49 -2.75 9.52
N ALA A 371 -20.29 -1.97 10.58
CA ALA A 371 -18.97 -1.87 11.20
C ALA A 371 -18.83 -2.73 12.44
N PHE A 372 -19.75 -2.62 13.41
CA PHE A 372 -19.56 -3.28 14.69
C PHE A 372 -20.09 -4.71 14.70
N ILE A 373 -20.56 -5.23 13.57
CA ILE A 373 -21.03 -6.61 13.51
C ILE A 373 -19.88 -7.52 13.12
N GLY A 374 -18.68 -6.97 13.03
CA GLY A 374 -17.50 -7.73 12.63
C GLY A 374 -16.55 -7.91 13.79
N GLN A 375 -15.83 -9.04 13.78
CA GLN A 375 -14.91 -9.33 14.87
C GLN A 375 -13.77 -8.32 14.92
N LYS A 376 -13.28 -7.89 13.75
CA LYS A 376 -12.13 -7.00 13.71
C LYS A 376 -12.42 -5.69 14.44
N PHE A 377 -13.55 -5.07 14.15
CA PHE A 377 -13.87 -3.79 14.76
C PHE A 377 -14.11 -3.93 16.25
N ARG A 378 -14.78 -5.01 16.67
CA ARG A 378 -15.00 -5.21 18.11
C ARG A 378 -13.68 -5.39 18.84
N HIS A 379 -12.78 -6.20 18.28
CA HIS A 379 -11.47 -6.37 18.90
C HIS A 379 -10.70 -5.05 18.94
N GLY A 380 -10.78 -4.27 17.87
CA GLY A 380 -10.12 -2.97 17.87
C GLY A 380 -10.67 -2.06 18.95
N LEU A 381 -11.99 -2.02 19.09
CA LEU A 381 -12.61 -1.18 20.12
C LEU A 381 -12.16 -1.62 21.51
N LEU A 382 -12.11 -2.93 21.75
CA LEU A 382 -11.63 -3.41 23.04
C LEU A 382 -10.18 -3.01 23.27
N LYS A 383 -9.34 -3.14 22.24
CA LYS A 383 -7.92 -2.82 22.40
C LYS A 383 -7.71 -1.34 22.69
N ILE A 384 -8.44 -0.47 21.99
CA ILE A 384 -8.24 0.97 22.14
C ILE A 384 -8.49 1.38 23.59
N LEU A 385 -9.51 0.80 24.22
CA LEU A 385 -9.86 1.17 25.58
C LEU A 385 -8.84 0.71 26.62
N ALA A 386 -7.75 0.10 26.20
CA ALA A 386 -6.69 -0.32 27.12
C ALA A 386 -5.75 0.84 27.39
N PRO B 6 -50.37 28.40 12.64
CA PRO B 6 -49.40 28.24 11.56
C PRO B 6 -48.48 27.04 11.74
N ARG B 7 -48.71 25.99 10.97
CA ARG B 7 -47.91 24.78 11.04
C ARG B 7 -46.73 24.87 10.09
N SER B 8 -46.05 23.74 9.90
CA SER B 8 -44.95 23.63 8.96
C SER B 8 -45.14 22.37 8.13
N ALA B 9 -44.84 22.48 6.83
CA ALA B 9 -44.98 21.35 5.94
C ALA B 9 -43.88 21.41 4.88
N LYS B 10 -43.48 20.24 4.39
CA LYS B 10 -42.46 20.14 3.36
C LYS B 10 -43.05 20.01 1.96
N GLU B 11 -44.37 20.04 1.85
CA GLU B 11 -45.03 20.05 0.54
C GLU B 11 -46.05 21.17 0.55
N LEU B 12 -45.92 22.11 -0.38
CA LEU B 12 -46.84 23.23 -0.51
C LEU B 12 -47.84 22.91 -1.62
N ARG B 13 -49.12 23.09 -1.32
CA ARG B 13 -50.19 22.69 -2.23
C ARG B 13 -51.16 23.84 -2.42
N CYS B 14 -51.91 23.78 -3.52
CA CYS B 14 -52.95 24.75 -3.78
C CYS B 14 -54.05 24.63 -2.73
N GLN B 15 -54.71 25.75 -2.47
CA GLN B 15 -55.75 25.80 -1.44
C GLN B 15 -57.13 25.41 -1.97
N CYS B 16 -57.29 25.22 -3.27
CA CYS B 16 -58.57 24.86 -3.86
C CYS B 16 -58.39 23.66 -4.77
N ILE B 17 -59.22 22.63 -4.55
CA ILE B 17 -59.19 21.45 -5.42
C ILE B 17 -60.01 21.70 -6.68
N LYS B 18 -61.24 22.15 -6.53
CA LYS B 18 -62.10 22.49 -7.65
C LYS B 18 -62.67 23.89 -7.39
N THR B 19 -63.51 24.36 -8.30
CA THR B 19 -64.08 25.69 -8.21
C THR B 19 -65.58 25.63 -8.46
N TYR B 20 -66.30 26.57 -7.83
CA TYR B 20 -67.73 26.68 -8.03
C TYR B 20 -68.01 27.22 -9.43
N SER B 21 -69.04 26.69 -10.07
CA SER B 21 -69.29 26.95 -11.48
C SER B 21 -70.61 27.68 -11.75
N LYS B 22 -71.50 27.76 -10.76
CA LYS B 22 -72.80 28.37 -10.97
C LYS B 22 -72.72 29.87 -10.66
N PRO B 23 -72.93 30.75 -11.63
CA PRO B 23 -72.87 32.18 -11.34
C PRO B 23 -73.89 32.58 -10.29
N PHE B 24 -73.52 33.53 -9.45
CA PHE B 24 -74.40 34.01 -8.39
C PHE B 24 -74.18 35.51 -8.19
N HIS B 25 -75.20 36.16 -7.62
CA HIS B 25 -75.17 37.60 -7.44
C HIS B 25 -74.10 37.99 -6.43
N PRO B 26 -73.43 39.12 -6.63
CA PRO B 26 -72.38 39.53 -5.67
C PRO B 26 -72.90 39.89 -4.29
N LYS B 27 -74.21 40.01 -4.10
CA LYS B 27 -74.74 40.42 -2.80
C LYS B 27 -74.44 39.42 -1.71
N PHE B 28 -74.05 38.19 -2.06
CA PHE B 28 -73.80 37.14 -1.09
C PHE B 28 -72.33 37.10 -0.64
N ILE B 29 -71.51 38.02 -1.10
CA ILE B 29 -70.08 38.04 -0.79
C ILE B 29 -69.81 39.10 0.27
N LYS B 30 -69.00 38.75 1.26
CA LYS B 30 -68.61 39.66 2.32
C LYS B 30 -67.09 39.80 2.46
N GLU B 31 -66.34 38.72 2.25
CA GLU B 31 -64.89 38.73 2.36
C GLU B 31 -64.29 38.07 1.13
N LEU B 32 -63.18 38.62 0.65
CA LEU B 32 -62.51 38.13 -0.55
C LEU B 32 -61.04 37.91 -0.24
N ARG B 33 -60.43 36.97 -0.97
CA ARG B 33 -59.01 36.71 -0.85
C ARG B 33 -58.49 36.25 -2.21
N VAL B 34 -57.39 36.85 -2.65
CA VAL B 34 -56.77 36.54 -3.94
C VAL B 34 -55.32 36.17 -3.67
N ILE B 35 -54.88 35.05 -4.23
CA ILE B 35 -53.53 34.54 -4.04
C ILE B 35 -52.90 34.42 -5.42
N GLU B 36 -51.83 35.18 -5.64
CA GLU B 36 -51.12 35.11 -6.92
C GLU B 36 -50.39 33.78 -7.06
N SER B 37 -50.30 33.30 -8.30
CA SER B 37 -49.60 32.06 -8.55
C SER B 37 -48.12 32.21 -8.21
N GLY B 38 -47.54 31.13 -7.70
CA GLY B 38 -46.15 31.13 -7.29
C GLY B 38 -45.63 29.73 -7.03
N PRO B 39 -44.59 29.61 -6.22
CA PRO B 39 -44.05 28.29 -5.92
C PRO B 39 -45.09 27.34 -5.33
N HIS B 40 -46.02 27.88 -4.55
CA HIS B 40 -47.03 27.06 -3.91
C HIS B 40 -48.05 26.48 -4.89
N CYS B 41 -48.55 27.29 -5.82
CA CYS B 41 -49.56 26.82 -6.76
C CYS B 41 -49.28 27.41 -8.13
N ALA B 42 -49.73 26.70 -9.18
CA ALA B 42 -49.49 27.13 -10.55
C ALA B 42 -50.57 28.08 -11.07
N ASN B 43 -51.66 28.27 -10.33
CA ASN B 43 -52.76 29.12 -10.77
C ASN B 43 -53.13 30.10 -9.67
N THR B 44 -53.55 31.29 -10.08
CA THR B 44 -54.11 32.25 -9.14
C THR B 44 -55.37 31.68 -8.51
N GLU B 45 -55.58 31.99 -7.24
CA GLU B 45 -56.69 31.42 -6.47
C GLU B 45 -57.54 32.54 -5.89
N ILE B 46 -58.86 32.40 -6.06
CA ILE B 46 -59.83 33.36 -5.53
C ILE B 46 -60.75 32.61 -4.57
N ILE B 47 -60.81 33.07 -3.33
CA ILE B 47 -61.62 32.44 -2.29
C ILE B 47 -62.51 33.50 -1.69
N VAL B 48 -63.81 33.21 -1.58
CA VAL B 48 -64.80 34.18 -1.14
C VAL B 48 -65.64 33.59 -0.01
N LYS B 49 -65.84 34.38 1.03
CA LYS B 49 -66.79 34.02 2.09
C LYS B 49 -68.20 34.36 1.63
N LEU B 50 -69.16 33.48 1.94
CA LEU B 50 -70.55 33.73 1.61
C LEU B 50 -71.25 34.43 2.77
N SER B 51 -72.53 34.74 2.58
CA SER B 51 -73.27 35.47 3.61
C SER B 51 -73.38 34.66 4.90
N ASP B 52 -73.55 33.35 4.80
CA ASP B 52 -73.76 32.50 5.96
C ASP B 52 -72.46 31.97 6.54
N GLY B 53 -71.31 32.40 6.02
CA GLY B 53 -70.03 32.00 6.54
C GLY B 53 -69.33 30.92 5.74
N ARG B 54 -70.03 30.24 4.84
CA ARG B 54 -69.41 29.21 4.02
C ARG B 54 -68.41 29.84 3.05
N GLU B 55 -67.31 29.13 2.80
CA GLU B 55 -66.26 29.59 1.90
C GLU B 55 -66.35 28.86 0.57
N LEU B 56 -66.02 29.57 -0.51
CA LEU B 56 -66.07 29.03 -1.85
C LEU B 56 -64.81 29.40 -2.61
N CYS B 57 -64.45 28.56 -3.57
CA CYS B 57 -63.33 28.82 -4.47
C CYS B 57 -63.88 29.12 -5.86
N LEU B 58 -63.57 30.30 -6.38
CA LEU B 58 -64.01 30.70 -7.70
C LEU B 58 -62.93 30.42 -8.73
N ASP B 59 -63.33 30.46 -10.01
CA ASP B 59 -62.41 30.23 -11.11
C ASP B 59 -61.74 31.55 -11.45
N PRO B 60 -60.41 31.68 -11.31
CA PRO B 60 -59.76 32.97 -11.60
C PRO B 60 -59.95 33.43 -13.03
N LYS B 61 -60.04 32.51 -13.99
CA LYS B 61 -60.05 32.87 -15.40
C LYS B 61 -61.45 32.96 -16.00
N GLU B 62 -62.47 32.44 -15.32
CA GLU B 62 -63.82 32.46 -15.88
C GLU B 62 -64.32 33.90 -15.97
N ASN B 63 -65.23 34.12 -16.94
CA ASN B 63 -65.65 35.49 -17.25
C ASN B 63 -66.38 36.13 -16.08
N TRP B 64 -67.40 35.46 -15.55
CA TRP B 64 -68.27 36.09 -14.57
C TRP B 64 -67.54 36.38 -13.27
N VAL B 65 -66.49 35.61 -12.97
CA VAL B 65 -65.77 35.78 -11.70
C VAL B 65 -65.14 37.17 -11.63
N GLN B 66 -64.53 37.61 -12.73
CA GLN B 66 -63.93 38.94 -12.75
C GLN B 66 -64.97 40.02 -12.49
N ARG B 67 -66.14 39.90 -13.15
CA ARG B 67 -67.20 40.86 -12.94
C ARG B 67 -67.64 40.89 -11.48
N VAL B 68 -67.83 39.71 -10.89
CA VAL B 68 -68.31 39.63 -9.51
C VAL B 68 -67.29 40.25 -8.55
N VAL B 69 -66.01 39.92 -8.73
CA VAL B 69 -64.96 40.44 -7.88
C VAL B 69 -64.92 41.95 -7.99
N GLU B 70 -64.98 42.46 -9.22
CA GLU B 70 -64.91 43.91 -9.42
C GLU B 70 -66.10 44.60 -8.76
N LYS B 71 -67.30 44.05 -8.92
CA LYS B 71 -68.47 44.65 -8.30
C LYS B 71 -68.36 44.65 -6.79
N PHE B 72 -67.93 43.53 -6.21
CA PHE B 72 -67.79 43.47 -4.76
C PHE B 72 -66.80 44.51 -4.26
N LEU B 73 -65.64 44.59 -4.90
CA LEU B 73 -64.62 45.54 -4.46
C LEU B 73 -65.11 46.97 -4.61
N LYS B 74 -65.79 47.26 -5.71
CA LYS B 74 -66.31 48.61 -5.93
C LYS B 74 -67.32 48.98 -4.83
N ARG B 75 -68.25 48.06 -4.53
CA ARG B 75 -69.25 48.36 -3.51
C ARG B 75 -68.61 48.53 -2.15
N ALA B 76 -67.67 47.66 -1.80
CA ALA B 76 -67.01 47.77 -0.50
C ALA B 76 -66.20 49.05 -0.40
N GLU B 77 -65.52 49.43 -1.48
CA GLU B 77 -64.68 50.62 -1.45
C GLU B 77 -65.47 51.90 -1.19
N ASN B 78 -66.77 51.91 -1.48
CA ASN B 78 -67.60 53.08 -1.24
C ASN B 78 -67.72 53.35 0.26
N CYS C 14 -61.90 42.90 15.20
CA CYS C 14 -61.23 43.31 13.99
C CYS C 14 -59.88 42.63 13.86
N GLN C 15 -59.19 42.86 12.74
CA GLN C 15 -57.91 42.24 12.46
C GLN C 15 -56.82 43.25 12.11
N CYS C 16 -57.14 44.55 12.06
CA CYS C 16 -56.17 45.59 11.75
C CYS C 16 -56.27 46.71 12.77
N ILE C 17 -55.15 47.37 13.01
CA ILE C 17 -55.07 48.46 13.98
C ILE C 17 -54.57 49.72 13.29
N LYS C 18 -53.39 49.63 12.68
CA LYS C 18 -52.76 50.77 12.02
C LYS C 18 -52.36 50.36 10.62
N THR C 19 -52.22 51.37 9.75
CA THR C 19 -51.91 51.16 8.34
C THR C 19 -50.63 51.90 7.97
N TYR C 20 -49.83 51.26 7.13
CA TYR C 20 -48.59 51.88 6.65
C TYR C 20 -48.92 53.15 5.87
N SER C 21 -48.10 54.19 6.08
CA SER C 21 -48.29 55.48 5.44
C SER C 21 -47.23 55.75 4.37
N LYS C 22 -46.48 54.73 3.97
CA LYS C 22 -45.45 54.87 2.93
C LYS C 22 -45.83 54.02 1.73
N PRO C 23 -46.23 54.62 0.60
CA PRO C 23 -46.58 53.81 -0.57
C PRO C 23 -45.40 52.94 -1.01
N PHE C 24 -45.73 51.74 -1.48
CA PHE C 24 -44.73 50.78 -1.94
C PHE C 24 -45.18 50.20 -3.27
N HIS C 25 -44.20 49.72 -4.03
CA HIS C 25 -44.50 49.21 -5.36
C HIS C 25 -45.36 47.95 -5.27
N PRO C 26 -46.39 47.81 -6.12
CA PRO C 26 -47.25 46.62 -6.03
C PRO C 26 -46.53 45.32 -6.30
N LYS C 27 -45.35 45.35 -6.93
CA LYS C 27 -44.67 44.13 -7.33
C LYS C 27 -44.33 43.22 -6.15
N PHE C 28 -44.28 43.74 -4.93
CA PHE C 28 -44.01 42.94 -3.74
C PHE C 28 -45.25 42.30 -3.15
N ILE C 29 -46.43 42.65 -3.62
CA ILE C 29 -47.68 42.15 -3.06
C ILE C 29 -47.91 40.75 -3.61
N LYS C 30 -47.91 39.76 -2.73
CA LYS C 30 -48.18 38.38 -3.13
C LYS C 30 -49.65 38.00 -2.91
N GLU C 31 -50.18 38.25 -1.71
CA GLU C 31 -51.55 37.88 -1.38
C GLU C 31 -52.33 39.10 -0.92
N LEU C 32 -53.62 39.11 -1.25
CA LEU C 32 -54.52 40.20 -0.89
C LEU C 32 -55.75 39.62 -0.22
N ARG C 33 -56.32 40.40 0.71
CA ARG C 33 -57.53 40.02 1.41
C ARG C 33 -58.31 41.28 1.74
N VAL C 34 -59.62 41.24 1.50
CA VAL C 34 -60.51 42.38 1.73
C VAL C 34 -61.66 41.91 2.61
N ILE C 35 -61.93 42.66 3.67
CA ILE C 35 -63.04 42.37 4.58
C ILE C 35 -63.90 43.62 4.65
N GLU C 36 -65.16 43.49 4.24
CA GLU C 36 -66.08 44.61 4.24
C GLU C 36 -66.52 44.95 5.65
N SER C 37 -66.88 46.22 5.86
CA SER C 37 -67.37 46.64 7.16
C SER C 37 -68.75 46.04 7.43
N GLY C 38 -69.10 45.95 8.71
CA GLY C 38 -70.35 45.37 9.12
C GLY C 38 -70.51 45.37 10.63
N PRO C 39 -71.23 44.38 11.17
CA PRO C 39 -71.35 44.28 12.62
C PRO C 39 -70.01 44.17 13.33
N HIS C 40 -69.04 43.55 12.65
CA HIS C 40 -67.74 43.28 13.27
C HIS C 40 -66.93 44.55 13.46
N CYS C 41 -66.86 45.41 12.44
CA CYS C 41 -66.02 46.60 12.51
C CYS C 41 -66.75 47.74 11.82
N ALA C 42 -66.05 48.85 11.60
CA ALA C 42 -66.65 50.05 11.02
C ALA C 42 -66.11 50.35 9.63
N ASN C 43 -64.79 50.29 9.44
CA ASN C 43 -64.17 50.60 8.17
C ASN C 43 -63.66 49.32 7.51
N THR C 44 -63.87 49.21 6.20
CA THR C 44 -63.39 48.06 5.45
C THR C 44 -61.88 47.91 5.62
N GLU C 45 -61.43 46.68 5.79
CA GLU C 45 -60.03 46.38 6.04
C GLU C 45 -59.41 45.64 4.87
N ILE C 46 -58.17 45.99 4.56
CA ILE C 46 -57.42 45.38 3.46
C ILE C 46 -56.10 44.90 4.04
N ILE C 47 -55.83 43.60 3.90
CA ILE C 47 -54.62 42.98 4.43
C ILE C 47 -53.83 42.43 3.25
N VAL C 48 -52.56 42.80 3.17
CA VAL C 48 -51.68 42.40 2.08
C VAL C 48 -50.48 41.68 2.65
N LYS C 49 -50.19 40.51 2.08
CA LYS C 49 -49.00 39.73 2.41
C LYS C 49 -47.99 39.91 1.28
N LEU C 50 -46.82 40.42 1.62
CA LEU C 50 -45.79 40.78 0.66
C LEU C 50 -44.82 39.63 0.45
N SER C 51 -43.89 39.84 -0.49
CA SER C 51 -42.91 38.80 -0.83
C SER C 51 -41.96 38.51 0.33
N ASP C 52 -41.71 39.47 1.21
CA ASP C 52 -40.75 39.32 2.29
C ASP C 52 -41.38 38.75 3.55
N GLY C 53 -42.67 38.43 3.54
CA GLY C 53 -43.34 37.82 4.67
C GLY C 53 -44.10 38.79 5.54
N ARG C 54 -43.89 40.10 5.38
CA ARG C 54 -44.59 41.08 6.19
C ARG C 54 -46.08 41.09 5.85
N GLU C 55 -46.89 41.43 6.85
CA GLU C 55 -48.32 41.63 6.69
C GLU C 55 -48.64 43.10 6.96
N LEU C 56 -49.28 43.75 6.00
CA LEU C 56 -49.60 45.16 6.13
C LEU C 56 -51.10 45.38 6.00
N CYS C 57 -51.60 46.34 6.76
CA CYS C 57 -52.99 46.77 6.67
C CYS C 57 -53.03 48.11 5.94
N LEU C 58 -53.91 48.21 4.95
CA LEU C 58 -53.99 49.38 4.10
C LEU C 58 -55.35 50.06 4.25
N ASP C 59 -55.33 51.38 4.32
CA ASP C 59 -56.55 52.17 4.43
C ASP C 59 -57.22 52.23 3.06
N PRO C 60 -58.46 51.77 2.92
CA PRO C 60 -59.11 51.81 1.59
C PRO C 60 -59.32 53.22 1.07
N LYS C 61 -59.33 54.22 1.94
CA LYS C 61 -59.62 55.59 1.52
C LYS C 61 -58.43 56.30 0.88
N GLU C 62 -57.24 55.71 0.94
CA GLU C 62 -56.06 56.34 0.35
C GLU C 62 -55.96 55.99 -1.12
N ASN C 63 -55.62 57.00 -1.93
CA ASN C 63 -55.59 56.82 -3.38
C ASN C 63 -54.54 55.80 -3.78
N TRP C 64 -53.36 55.86 -3.18
CA TRP C 64 -52.29 54.94 -3.54
C TRP C 64 -52.69 53.50 -3.23
N VAL C 65 -53.37 53.29 -2.11
CA VAL C 65 -53.85 51.94 -1.78
C VAL C 65 -54.81 51.45 -2.86
N GLN C 66 -55.73 52.32 -3.29
CA GLN C 66 -56.70 51.93 -4.30
C GLN C 66 -56.01 51.56 -5.61
N ARG C 67 -55.03 52.37 -6.03
CA ARG C 67 -54.31 52.06 -7.27
C ARG C 67 -53.53 50.76 -7.14
N VAL C 68 -52.88 50.55 -6.00
CA VAL C 68 -52.09 49.33 -5.81
C VAL C 68 -52.98 48.10 -5.87
N VAL C 69 -54.15 48.17 -5.24
CA VAL C 69 -55.05 47.02 -5.26
C VAL C 69 -55.46 46.68 -6.69
N GLU C 70 -55.81 47.69 -7.48
CA GLU C 70 -56.19 47.43 -8.88
C GLU C 70 -55.03 46.87 -9.68
N LYS C 71 -53.82 47.39 -9.46
CA LYS C 71 -52.67 46.88 -10.19
C LYS C 71 -52.41 45.41 -9.85
N PHE C 72 -52.48 45.08 -8.56
CA PHE C 72 -52.30 43.69 -8.16
C PHE C 72 -53.37 42.79 -8.76
N LEU C 73 -54.61 43.27 -8.74
CA LEU C 73 -55.71 42.48 -9.31
C LEU C 73 -55.48 42.21 -10.79
N LYS C 74 -55.07 43.24 -11.53
CA LYS C 74 -54.83 43.05 -12.96
C LYS C 74 -53.67 42.08 -13.19
N ARG C 75 -52.60 42.20 -12.41
CA ARG C 75 -51.47 41.28 -12.59
C ARG C 75 -51.89 39.85 -12.29
N ALA C 76 -52.68 39.65 -11.23
CA ALA C 76 -53.04 38.30 -10.81
C ALA C 76 -53.93 37.60 -11.84
N GLU C 77 -54.60 38.36 -12.70
CA GLU C 77 -55.50 37.76 -13.68
C GLU C 77 -54.76 37.10 -14.84
N ASN C 78 -53.46 37.30 -14.96
CA ASN C 78 -52.68 36.68 -16.03
C ASN C 78 -52.57 35.18 -15.82
N THR D 16 17.99 14.23 -9.73
CA THR D 16 17.54 14.03 -11.10
C THR D 16 17.81 15.26 -11.95
N LEU D 17 18.78 16.07 -11.52
CA LEU D 17 19.14 17.30 -12.23
C LEU D 17 20.10 17.02 -13.38
N SER D 18 21.15 16.26 -13.11
CA SER D 18 22.16 15.98 -14.13
C SER D 18 21.60 15.07 -15.22
N ALA D 19 22.26 15.10 -16.37
CA ALA D 19 21.85 14.25 -17.49
C ALA D 19 22.02 12.76 -17.15
N GLU D 20 23.13 12.41 -16.50
CA GLU D 20 23.35 11.03 -16.11
C GLU D 20 22.35 10.59 -15.05
N GLU D 21 22.04 11.47 -14.10
CA GLU D 21 21.09 11.11 -13.05
C GLU D 21 19.67 11.02 -13.58
N ARG D 22 19.36 11.72 -14.68
CA ARG D 22 18.05 11.58 -15.30
C ARG D 22 17.87 10.18 -15.86
N ALA D 23 18.91 9.62 -16.49
CA ALA D 23 18.82 8.27 -17.02
C ALA D 23 18.83 7.23 -15.91
N ALA D 24 19.51 7.52 -14.79
CA ALA D 24 19.48 6.61 -13.66
C ALA D 24 18.07 6.51 -13.07
N LEU D 25 17.36 7.63 -13.00
CA LEU D 25 15.97 7.60 -12.57
C LEU D 25 15.09 6.85 -13.56
N GLU D 26 15.39 6.98 -14.86
CA GLU D 26 14.65 6.22 -15.86
C GLU D 26 14.91 4.73 -15.73
N ARG D 27 16.14 4.34 -15.39
CA ARG D 27 16.44 2.93 -15.15
C ARG D 27 15.68 2.41 -13.94
N SER D 28 15.60 3.20 -12.87
CA SER D 28 14.88 2.77 -11.68
C SER D 28 13.40 2.57 -11.96
N LYS D 29 12.80 3.49 -12.72
CA LYS D 29 11.38 3.35 -13.05
C LYS D 29 11.13 2.16 -13.97
N ALA D 30 12.06 1.85 -14.86
CA ALA D 30 11.92 0.66 -15.69
C ALA D 30 12.02 -0.60 -14.87
N ILE D 31 12.88 -0.61 -13.85
CA ILE D 31 12.99 -1.76 -12.95
C ILE D 31 11.70 -1.95 -12.18
N GLU D 32 11.11 -0.85 -11.69
CA GLU D 32 9.89 -0.94 -10.90
C GLU D 32 8.73 -1.50 -11.71
N LYS D 33 8.68 -1.19 -13.01
CA LYS D 33 7.59 -1.71 -13.84
C LYS D 33 7.64 -3.23 -13.92
N ASN D 34 8.84 -3.80 -14.08
CA ASN D 34 8.97 -5.25 -14.10
C ASN D 34 8.71 -5.86 -12.73
N LEU D 35 9.07 -5.14 -11.66
CA LEU D 35 8.80 -5.64 -10.32
C LEU D 35 7.31 -5.75 -10.06
N LYS D 36 6.55 -4.73 -10.47
CA LYS D 36 5.10 -4.78 -10.32
C LYS D 36 4.49 -5.81 -11.26
N GLU D 37 5.01 -5.92 -12.48
CA GLU D 37 4.48 -6.88 -13.44
C GLU D 37 4.67 -8.32 -12.94
N ASP D 38 5.84 -8.61 -12.36
CA ASP D 38 6.08 -9.95 -11.84
C ASP D 38 5.16 -10.25 -10.66
N GLY D 39 4.85 -9.24 -9.85
CA GLY D 39 3.92 -9.45 -8.75
C GLY D 39 2.52 -9.79 -9.22
N ILE D 40 2.10 -9.20 -10.34
CA ILE D 40 0.78 -9.52 -10.90
C ILE D 40 0.73 -10.97 -11.33
N SER D 41 1.78 -11.45 -12.00
CA SER D 41 1.84 -12.84 -12.42
C SER D 41 2.04 -13.81 -11.26
N ALA D 42 2.33 -13.30 -10.07
CA ALA D 42 2.53 -14.13 -8.88
C ALA D 42 1.30 -14.15 -7.97
N ALA D 43 0.16 -13.67 -8.46
CA ALA D 43 -1.08 -13.67 -7.68
C ALA D 43 -2.09 -14.70 -8.13
N LYS D 44 -1.85 -15.35 -9.28
CA LYS D 44 -2.76 -16.37 -9.81
C LYS D 44 -2.40 -17.77 -9.34
N ASP D 45 -1.41 -17.91 -8.47
CA ASP D 45 -0.95 -19.22 -8.01
C ASP D 45 -1.35 -19.42 -6.56
N VAL D 46 -1.63 -20.67 -6.21
CA VAL D 46 -2.01 -21.06 -4.85
C VAL D 46 -0.84 -21.80 -4.23
N LYS D 47 -0.39 -21.32 -3.08
CA LYS D 47 0.77 -21.88 -2.39
C LYS D 47 0.28 -22.81 -1.29
N LEU D 48 0.52 -24.10 -1.46
CA LEU D 48 0.11 -25.12 -0.49
C LEU D 48 1.34 -25.80 0.10
N LEU D 49 1.16 -26.35 1.30
CA LEU D 49 2.25 -26.95 2.05
C LEU D 49 1.96 -28.43 2.24
N LEU D 50 2.91 -29.28 1.85
CA LEU D 50 2.77 -30.72 1.99
C LEU D 50 3.47 -31.19 3.27
N LEU D 51 2.75 -31.97 4.07
CA LEU D 51 3.29 -32.50 5.31
C LEU D 51 2.81 -33.94 5.47
N GLY D 52 3.39 -34.63 6.45
CA GLY D 52 3.03 -36.01 6.73
C GLY D 52 4.23 -36.91 6.97
N ALA D 53 3.98 -38.10 7.50
CA ALA D 53 5.05 -39.04 7.78
C ALA D 53 5.58 -39.64 6.48
N ASP D 54 6.73 -40.32 6.58
CA ASP D 54 7.33 -40.94 5.42
C ASP D 54 6.48 -42.11 4.93
N ASN D 55 6.57 -42.37 3.62
CA ASN D 55 5.84 -43.46 2.98
C ASN D 55 4.33 -43.35 3.17
N SER D 56 3.83 -42.12 3.26
CA SER D 56 2.41 -41.86 3.46
C SER D 56 1.73 -41.32 2.21
N GLY D 57 2.40 -41.36 1.06
CA GLY D 57 1.83 -40.83 -0.16
C GLY D 57 1.96 -39.33 -0.33
N LYS D 58 2.82 -38.67 0.46
CA LYS D 58 2.97 -37.23 0.39
C LYS D 58 3.65 -36.76 -0.89
N SER D 59 4.16 -37.68 -1.71
CA SER D 59 4.79 -37.33 -2.99
C SER D 59 3.99 -37.85 -4.18
N THR D 60 2.92 -38.61 -3.96
CA THR D 60 2.15 -39.20 -5.03
C THR D 60 0.65 -38.97 -4.82
N ILE D 61 0.27 -37.73 -4.52
CA ILE D 61 -1.16 -37.42 -4.35
C ILE D 61 -1.83 -37.29 -5.72
N VAL D 62 -1.33 -36.38 -6.55
CA VAL D 62 -1.87 -36.14 -7.88
C VAL D 62 -0.94 -36.77 -8.90
N LYS D 63 -1.52 -37.53 -9.85
CA LYS D 63 -0.72 -38.16 -10.89
C LYS D 63 -0.24 -37.17 -11.94
N GLN D 64 -0.78 -35.95 -11.95
CA GLN D 64 -0.31 -34.89 -12.84
C GLN D 64 0.73 -34.08 -12.07
N MET D 65 1.96 -34.60 -12.04
CA MET D 65 2.96 -34.04 -11.14
C MET D 65 3.59 -32.77 -11.71
N LYS D 66 4.33 -32.90 -12.82
CA LYS D 66 5.10 -31.80 -13.38
C LYS D 66 5.91 -31.08 -12.30
N ILE D 67 6.85 -31.83 -11.75
CA ILE D 67 7.58 -31.39 -10.54
C ILE D 67 8.20 -30.01 -10.75
N ILE D 68 9.09 -29.89 -11.73
CA ILE D 68 9.76 -28.62 -11.99
C ILE D 68 10.47 -28.66 -13.34
N THR D 79 18.41 -32.73 -2.55
CA THR D 79 17.99 -32.70 -1.16
C THR D 79 17.73 -31.27 -0.70
N GLY D 80 16.54 -31.04 -0.15
CA GLY D 80 16.14 -29.72 0.28
C GLY D 80 14.64 -29.52 0.22
N ILE D 81 14.20 -28.47 -0.47
CA ILE D 81 12.77 -28.19 -0.65
C ILE D 81 12.38 -28.58 -2.07
N VAL D 82 11.23 -29.25 -2.19
CA VAL D 82 10.74 -29.78 -3.46
C VAL D 82 9.45 -29.07 -3.81
N GLU D 83 9.36 -28.58 -5.05
CA GLU D 83 8.18 -27.87 -5.53
C GLU D 83 7.45 -28.70 -6.57
N THR D 84 6.14 -28.46 -6.66
CA THR D 84 5.28 -29.11 -7.63
C THR D 84 4.23 -28.10 -8.07
N HIS D 85 4.10 -27.90 -9.39
CA HIS D 85 3.34 -26.76 -9.92
C HIS D 85 2.29 -27.23 -10.92
N PHE D 86 1.50 -28.24 -10.54
CA PHE D 86 0.39 -28.65 -11.37
C PHE D 86 -0.69 -27.58 -11.39
N THR D 87 -1.43 -27.52 -12.50
CA THR D 87 -2.49 -26.55 -12.69
C THR D 87 -3.82 -27.26 -12.89
N PHE D 88 -4.91 -26.57 -12.52
CA PHE D 88 -6.24 -27.16 -12.60
C PHE D 88 -7.28 -26.06 -12.62
N LYS D 89 -8.16 -26.09 -13.62
CA LYS D 89 -9.27 -25.14 -13.75
C LYS D 89 -8.78 -23.70 -13.75
N ASN D 90 -7.80 -23.43 -14.63
CA ASN D 90 -7.24 -22.09 -14.82
C ASN D 90 -6.67 -21.53 -13.51
N LEU D 91 -6.17 -22.40 -12.63
CA LEU D 91 -5.60 -22.01 -11.37
C LEU D 91 -4.30 -22.79 -11.16
N HIS D 92 -3.27 -22.10 -10.68
CA HIS D 92 -1.94 -22.68 -10.53
C HIS D 92 -1.76 -23.09 -9.07
N PHE D 93 -1.46 -24.37 -8.84
CA PHE D 93 -1.26 -24.90 -7.51
C PHE D 93 0.21 -25.24 -7.34
N ARG D 94 0.85 -24.63 -6.34
CA ARG D 94 2.26 -24.85 -6.04
C ARG D 94 2.36 -25.60 -4.72
N LEU D 95 2.85 -26.84 -4.77
CA LEU D 95 2.99 -27.68 -3.60
C LEU D 95 4.45 -27.70 -3.16
N PHE D 96 4.69 -27.35 -1.90
CA PHE D 96 6.03 -27.33 -1.33
C PHE D 96 6.19 -28.47 -0.36
N ASP D 97 7.09 -29.39 -0.66
CA ASP D 97 7.39 -30.52 0.21
C ASP D 97 8.60 -30.17 1.06
N VAL D 98 8.40 -30.13 2.38
CA VAL D 98 9.45 -29.74 3.31
C VAL D 98 10.21 -30.93 3.86
N GLY D 99 9.87 -32.15 3.45
CA GLY D 99 10.59 -33.31 3.93
C GLY D 99 12.02 -33.33 3.41
N GLY D 100 12.89 -33.98 4.19
CA GLY D 100 14.29 -34.09 3.85
C GLY D 100 15.19 -33.03 4.45
N GLN D 101 14.61 -31.96 5.00
CA GLN D 101 15.43 -30.94 5.67
C GLN D 101 16.13 -31.52 6.89
N ARG D 102 15.42 -32.30 7.69
CA ARG D 102 15.97 -32.95 8.88
C ARG D 102 16.59 -31.95 9.84
N SER D 103 15.97 -30.78 9.95
CA SER D 103 16.44 -29.75 10.88
C SER D 103 15.32 -29.35 11.83
N GLU D 104 15.57 -28.33 12.66
CA GLU D 104 14.55 -27.84 13.58
C GLU D 104 13.53 -27.02 12.82
N ARG D 105 12.27 -27.46 12.85
CA ARG D 105 11.22 -26.79 12.09
C ARG D 105 10.95 -25.37 12.58
N LYS D 106 11.25 -25.07 13.85
CA LYS D 106 10.90 -23.77 14.40
C LYS D 106 11.62 -22.62 13.72
N LYS D 107 12.69 -22.89 12.97
CA LYS D 107 13.50 -21.83 12.39
C LYS D 107 13.14 -21.49 10.95
N TRP D 108 12.54 -22.41 10.22
CA TRP D 108 12.19 -22.16 8.82
C TRP D 108 10.72 -22.40 8.50
N ILE D 109 9.90 -22.81 9.46
CA ILE D 109 8.49 -23.01 9.18
C ILE D 109 7.74 -21.69 9.07
N HIS D 110 8.33 -20.60 9.55
CA HIS D 110 7.70 -19.29 9.42
C HIS D 110 7.81 -18.72 8.01
N CYS D 111 8.64 -19.34 7.15
CA CYS D 111 8.68 -18.92 5.76
C CYS D 111 7.36 -19.22 5.06
N PHE D 112 6.72 -20.33 5.43
CA PHE D 112 5.45 -20.74 4.85
C PHE D 112 4.25 -20.20 5.64
N GLU D 113 4.42 -19.07 6.32
CA GLU D 113 3.32 -18.50 7.10
C GLU D 113 2.18 -18.02 6.22
N ASP D 114 2.43 -17.75 4.94
CA ASP D 114 1.43 -17.19 4.04
C ASP D 114 0.83 -18.22 3.09
N VAL D 115 1.07 -19.51 3.32
CA VAL D 115 0.48 -20.53 2.45
C VAL D 115 -1.03 -20.52 2.58
N THR D 116 -1.71 -20.89 1.50
CA THR D 116 -3.17 -20.91 1.50
C THR D 116 -3.73 -22.00 2.42
N ALA D 117 -3.14 -23.19 2.39
CA ALA D 117 -3.63 -24.30 3.20
C ALA D 117 -2.49 -25.26 3.47
N ILE D 118 -2.79 -26.27 4.30
CA ILE D 118 -1.84 -27.31 4.65
C ILE D 118 -2.43 -28.64 4.19
N ILE D 119 -1.65 -29.40 3.42
CA ILE D 119 -2.06 -30.71 2.96
C ILE D 119 -1.34 -31.76 3.80
N PHE D 120 -2.10 -32.55 4.55
CA PHE D 120 -1.56 -33.56 5.43
C PHE D 120 -1.93 -34.94 4.90
N CYS D 121 -0.94 -35.82 4.80
CA CYS D 121 -1.14 -37.17 4.30
C CYS D 121 -0.93 -38.18 5.43
N VAL D 122 -1.89 -39.08 5.60
CA VAL D 122 -1.86 -40.08 6.65
C VAL D 122 -2.07 -41.45 6.01
N ASP D 123 -1.22 -42.41 6.38
CA ASP D 123 -1.32 -43.78 5.88
C ASP D 123 -2.05 -44.63 6.91
N LEU D 124 -3.23 -45.13 6.54
CA LEU D 124 -4.05 -45.90 7.44
C LEU D 124 -3.55 -47.32 7.66
N SER D 125 -2.69 -47.83 6.77
CA SER D 125 -2.19 -49.19 6.90
C SER D 125 -0.98 -49.29 7.83
N ASP D 126 -0.41 -48.17 8.25
CA ASP D 126 0.74 -48.16 9.15
C ASP D 126 0.25 -47.93 10.57
N TYR D 127 0.20 -49.02 11.35
CA TYR D 127 -0.25 -48.92 12.73
C TYR D 127 0.83 -48.43 13.67
N ASN D 128 2.10 -48.44 13.25
CA ASN D 128 3.19 -47.97 14.09
C ASN D 128 3.47 -46.49 13.92
N ARG D 129 3.33 -45.96 12.69
CA ARG D 129 3.54 -44.54 12.44
C ARG D 129 2.29 -43.71 12.68
N MET D 130 1.17 -44.34 13.04
CA MET D 130 -0.05 -43.59 13.29
C MET D 130 0.10 -42.64 14.47
N HIS D 131 0.76 -43.10 15.54
CA HIS D 131 1.02 -42.22 16.67
C HIS D 131 2.05 -41.16 16.30
N GLU D 132 3.02 -41.50 15.45
CA GLU D 132 3.96 -40.49 14.97
C GLU D 132 3.26 -39.43 14.13
N SER D 133 2.30 -39.85 13.30
CA SER D 133 1.55 -38.89 12.49
C SER D 133 0.72 -37.96 13.36
N LEU D 134 0.13 -38.50 14.43
CA LEU D 134 -0.70 -37.68 15.31
C LEU D 134 0.13 -36.59 15.99
N MET D 135 1.37 -36.92 16.38
CA MET D 135 2.25 -35.90 16.96
C MET D 135 2.55 -34.80 15.96
N LEU D 136 2.77 -35.18 14.69
CA LEU D 136 3.02 -34.18 13.65
C LEU D 136 1.81 -33.28 13.45
N PHE D 137 0.61 -33.88 13.40
CA PHE D 137 -0.60 -33.09 13.21
C PHE D 137 -0.86 -32.17 14.40
N ASP D 138 -0.63 -32.68 15.61
CA ASP D 138 -0.86 -31.86 16.81
C ASP D 138 0.06 -30.66 16.84
N SER D 139 1.34 -30.84 16.48
CA SER D 139 2.30 -29.74 16.51
C SER D 139 1.98 -28.70 15.44
N ILE D 140 1.68 -29.17 14.22
CA ILE D 140 1.46 -28.24 13.12
C ILE D 140 0.17 -27.47 13.30
N CYS D 141 -0.91 -28.14 13.73
CA CYS D 141 -2.21 -27.49 13.83
C CYS D 141 -2.19 -26.38 14.88
N ASN D 142 -1.52 -26.60 16.01
CA ASN D 142 -1.49 -25.65 17.10
C ASN D 142 -0.27 -24.73 17.05
N ASN D 143 0.48 -24.75 15.96
CA ASN D 143 1.61 -23.83 15.82
C ASN D 143 1.12 -22.40 15.77
N LYS D 144 1.95 -21.48 16.27
CA LYS D 144 1.53 -20.08 16.35
C LYS D 144 1.42 -19.44 14.97
N PHE D 145 2.24 -19.88 14.01
CA PHE D 145 2.17 -19.33 12.66
C PHE D 145 0.99 -19.90 11.87
N PHE D 146 0.61 -21.15 12.13
CA PHE D 146 -0.47 -21.81 11.42
C PHE D 146 -1.76 -21.86 12.23
N ILE D 147 -2.04 -20.81 13.02
CA ILE D 147 -3.25 -20.79 13.84
C ILE D 147 -4.51 -20.53 13.03
N ASP D 148 -4.39 -20.05 11.79
CA ASP D 148 -5.55 -19.74 10.97
C ASP D 148 -5.53 -20.45 9.62
N THR D 149 -4.49 -21.20 9.30
CA THR D 149 -4.40 -21.88 8.01
C THR D 149 -5.20 -23.18 8.07
N SER D 150 -6.22 -23.29 7.21
CA SER D 150 -7.01 -24.50 7.16
C SER D 150 -6.17 -25.67 6.65
N ILE D 151 -6.55 -26.87 7.08
CA ILE D 151 -5.80 -28.09 6.79
C ILE D 151 -6.66 -28.99 5.91
N ILE D 152 -6.07 -29.47 4.81
CA ILE D 152 -6.71 -30.46 3.95
C ILE D 152 -6.07 -31.81 4.28
N LEU D 153 -6.78 -32.62 5.05
CA LEU D 153 -6.24 -33.89 5.54
C LEU D 153 -6.65 -35.01 4.60
N PHE D 154 -5.67 -35.79 4.16
CA PHE D 154 -5.88 -36.90 3.24
C PHE D 154 -5.61 -38.21 3.94
N LEU D 155 -6.59 -39.11 3.93
CA LEU D 155 -6.47 -40.44 4.51
C LEU D 155 -6.30 -41.43 3.36
N ASN D 156 -5.11 -41.98 3.21
CA ASN D 156 -4.75 -42.76 2.03
C ASN D 156 -4.95 -44.25 2.25
N LYS D 157 -5.00 -44.98 1.15
CA LYS D 157 -4.98 -46.45 1.12
C LYS D 157 -6.16 -47.03 1.91
N LYS D 158 -7.35 -46.76 1.38
CA LYS D 158 -8.56 -47.37 1.94
C LYS D 158 -8.52 -48.89 1.80
N ASP D 159 -8.12 -49.39 0.62
CA ASP D 159 -8.15 -50.82 0.37
C ASP D 159 -7.15 -51.56 1.24
N LEU D 160 -5.94 -51.00 1.39
CA LEU D 160 -4.94 -51.64 2.25
C LEU D 160 -5.40 -51.68 3.70
N PHE D 161 -6.01 -50.58 4.18
CA PHE D 161 -6.55 -50.57 5.53
C PHE D 161 -7.71 -51.54 5.67
N GLY D 162 -8.53 -51.65 4.63
CA GLY D 162 -9.67 -52.56 4.69
C GLY D 162 -9.26 -54.01 4.83
N GLU D 163 -8.19 -54.40 4.16
CA GLU D 163 -7.68 -55.77 4.29
C GLU D 163 -6.90 -55.95 5.58
N LYS D 164 -6.21 -54.91 6.05
CA LYS D 164 -5.37 -55.04 7.24
C LYS D 164 -6.21 -55.24 8.49
N ILE D 165 -7.35 -54.56 8.60
CA ILE D 165 -8.14 -54.60 9.82
C ILE D 165 -8.67 -56.01 10.09
N LYS D 166 -9.03 -56.75 9.04
CA LYS D 166 -9.52 -58.11 9.23
C LYS D 166 -8.45 -59.01 9.84
N LYS D 167 -7.20 -58.88 9.37
CA LYS D 167 -6.12 -59.71 9.91
C LYS D 167 -5.76 -59.29 11.34
N SER D 168 -5.67 -57.98 11.58
CA SER D 168 -5.33 -57.45 12.90
C SER D 168 -6.34 -56.37 13.26
N PRO D 169 -7.07 -56.52 14.36
CA PRO D 169 -8.06 -55.49 14.72
C PRO D 169 -7.40 -54.20 15.14
N LEU D 170 -8.17 -53.11 15.04
CA LEU D 170 -7.70 -51.78 15.38
C LEU D 170 -7.71 -51.57 16.89
N THR D 171 -6.84 -52.33 17.56
CA THR D 171 -6.68 -52.21 19.00
C THR D 171 -5.23 -52.15 19.47
N ILE D 172 -4.27 -52.64 18.67
CA ILE D 172 -2.87 -52.53 19.05
C ILE D 172 -2.41 -51.08 18.96
N CYS D 173 -2.87 -50.34 17.96
CA CYS D 173 -2.49 -48.94 17.81
C CYS D 173 -3.31 -48.04 18.74
N PHE D 174 -4.61 -48.30 18.84
CA PHE D 174 -5.52 -47.50 19.67
C PHE D 174 -6.19 -48.43 20.69
N PRO D 175 -5.62 -48.57 21.88
CA PRO D 175 -6.26 -49.44 22.89
C PRO D 175 -7.60 -48.90 23.39
N GLU D 176 -7.89 -47.62 23.19
CA GLU D 176 -9.13 -47.03 23.67
C GLU D 176 -10.33 -47.28 22.76
N TYR D 177 -10.12 -47.94 21.62
CA TYR D 177 -11.22 -48.21 20.70
C TYR D 177 -12.22 -49.16 21.34
N THR D 178 -13.51 -48.87 21.16
CA THR D 178 -14.58 -49.66 21.75
C THR D 178 -15.68 -50.04 20.77
N GLY D 179 -15.84 -49.31 19.66
CA GLY D 179 -16.93 -49.56 18.74
C GLY D 179 -16.72 -50.80 17.90
N PRO D 180 -17.62 -51.02 16.93
CA PRO D 180 -17.52 -52.22 16.10
C PRO D 180 -16.26 -52.23 15.26
N ASN D 181 -15.80 -53.44 14.93
CA ASN D 181 -14.59 -53.64 14.14
C ASN D 181 -14.83 -53.46 12.64
N THR D 182 -15.94 -52.85 12.25
CA THR D 182 -16.22 -52.64 10.84
C THR D 182 -15.35 -51.51 10.28
N TYR D 183 -15.24 -51.49 8.95
CA TYR D 183 -14.40 -50.49 8.29
C TYR D 183 -14.94 -49.08 8.50
N GLU D 184 -16.27 -48.91 8.42
CA GLU D 184 -16.86 -47.58 8.51
C GLU D 184 -16.60 -46.94 9.87
N ASP D 185 -16.76 -47.71 10.95
CA ASP D 185 -16.55 -47.16 12.28
C ASP D 185 -15.06 -46.97 12.58
N ALA D 186 -14.23 -47.91 12.13
CA ALA D 186 -12.79 -47.81 12.39
C ALA D 186 -12.19 -46.61 11.66
N ALA D 187 -12.53 -46.44 10.38
CA ALA D 187 -11.99 -45.32 9.61
C ALA D 187 -12.48 -43.99 10.17
N ALA D 188 -13.74 -43.93 10.58
CA ALA D 188 -14.27 -42.69 11.17
C ALA D 188 -13.64 -42.42 12.53
N TYR D 189 -13.29 -43.48 13.27
CA TYR D 189 -12.64 -43.30 14.57
C TYR D 189 -11.27 -42.65 14.42
N ILE D 190 -10.51 -43.06 13.39
CA ILE D 190 -9.22 -42.43 13.13
C ILE D 190 -9.41 -40.97 12.76
N GLN D 191 -10.44 -40.67 11.97
CA GLN D 191 -10.70 -39.29 11.56
C GLN D 191 -11.04 -38.41 12.76
N ALA D 192 -11.79 -38.95 13.72
CA ALA D 192 -12.17 -38.17 14.89
C ALA D 192 -10.96 -37.77 15.72
N GLN D 193 -9.98 -38.68 15.84
CA GLN D 193 -8.78 -38.37 16.61
C GLN D 193 -8.00 -37.21 16.01
N PHE D 194 -7.88 -37.17 14.68
CA PHE D 194 -7.14 -36.10 14.04
C PHE D 194 -7.82 -34.75 14.21
N GLU D 195 -9.15 -34.72 14.12
CA GLU D 195 -9.89 -33.49 14.31
C GLU D 195 -10.03 -33.10 15.77
N SER D 196 -9.76 -34.02 16.69
CA SER D 196 -9.76 -33.68 18.11
C SER D 196 -8.57 -32.80 18.49
N LYS D 197 -7.57 -32.68 17.62
CA LYS D 197 -6.41 -31.84 17.86
C LYS D 197 -6.56 -30.44 17.29
N ASN D 198 -7.71 -30.12 16.70
CA ASN D 198 -7.91 -28.79 16.14
C ASN D 198 -7.82 -27.73 17.23
N ARG D 199 -8.76 -27.74 18.16
CA ARG D 199 -8.71 -26.92 19.38
C ARG D 199 -8.61 -25.43 19.07
N SER D 200 -9.08 -25.00 17.91
CA SER D 200 -8.95 -23.61 17.49
C SER D 200 -10.15 -23.20 16.64
N PRO D 201 -10.56 -21.94 16.72
CA PRO D 201 -11.58 -21.43 15.82
C PRO D 201 -10.96 -20.84 14.56
N ASN D 202 -11.83 -20.47 13.62
CA ASN D 202 -11.47 -19.93 12.30
C ASN D 202 -10.68 -20.91 11.46
N LYS D 203 -10.57 -22.17 11.86
CA LYS D 203 -9.84 -23.20 11.13
C LYS D 203 -10.75 -24.39 10.88
N GLU D 204 -10.78 -24.84 9.63
CA GLU D 204 -11.59 -25.98 9.22
C GLU D 204 -10.71 -27.04 8.60
N ILE D 205 -10.95 -28.28 8.98
CA ILE D 205 -10.18 -29.43 8.49
C ILE D 205 -11.05 -30.17 7.48
N TYR D 206 -10.62 -30.15 6.22
CA TYR D 206 -11.34 -30.82 5.14
C TYR D 206 -10.72 -32.21 4.93
N CYS D 207 -11.43 -33.24 5.38
CA CYS D 207 -10.97 -34.61 5.27
C CYS D 207 -11.44 -35.24 3.97
N HIS D 208 -10.75 -36.30 3.56
CA HIS D 208 -11.14 -37.09 2.39
C HIS D 208 -10.39 -38.41 2.44
N MET D 209 -11.09 -39.48 2.05
CA MET D 209 -10.52 -40.82 2.02
C MET D 209 -10.06 -41.13 0.61
N THR D 210 -8.78 -41.45 0.46
CA THR D 210 -8.18 -41.68 -0.84
C THR D 210 -7.57 -43.08 -0.91
N CYS D 211 -7.42 -43.58 -2.13
CA CYS D 211 -6.78 -44.85 -2.40
C CYS D 211 -5.68 -44.64 -3.43
N ALA D 212 -4.95 -45.72 -3.72
CA ALA D 212 -3.87 -45.64 -4.70
C ALA D 212 -4.41 -45.32 -6.09
N THR D 213 -5.52 -45.95 -6.49
CA THR D 213 -6.09 -45.75 -7.82
C THR D 213 -7.18 -44.67 -7.81
N ASP D 214 -6.83 -43.48 -7.31
CA ASP D 214 -7.74 -42.33 -7.31
C ASP D 214 -7.11 -41.23 -8.14
N THR D 215 -7.85 -40.75 -9.13
CA THR D 215 -7.37 -39.72 -10.04
C THR D 215 -7.91 -38.34 -9.71
N ASN D 216 -9.02 -38.25 -8.97
CA ASN D 216 -9.69 -36.99 -8.70
C ASN D 216 -9.16 -36.30 -7.45
N ASN D 217 -7.89 -36.55 -7.08
CA ASN D 217 -7.31 -35.86 -5.94
C ASN D 217 -7.16 -34.37 -6.22
N ALA D 218 -6.88 -34.01 -7.48
CA ALA D 218 -6.78 -32.60 -7.85
C ALA D 218 -8.12 -31.89 -7.68
N GLN D 219 -9.22 -32.57 -8.02
CA GLN D 219 -10.54 -31.98 -7.84
C GLN D 219 -10.85 -31.74 -6.37
N VAL D 220 -10.46 -32.67 -5.50
CA VAL D 220 -10.71 -32.52 -4.07
C VAL D 220 -9.92 -31.35 -3.52
N ILE D 221 -8.67 -31.18 -3.95
CA ILE D 221 -7.87 -30.04 -3.50
C ILE D 221 -8.48 -28.73 -3.99
N PHE D 222 -8.96 -28.72 -5.24
CA PHE D 222 -9.46 -27.47 -5.82
C PHE D 222 -10.67 -26.94 -5.06
N ASP D 223 -11.63 -27.82 -4.74
CA ASP D 223 -12.83 -27.35 -4.06
C ASP D 223 -12.53 -26.92 -2.63
N ALA D 224 -11.59 -27.59 -1.98
CA ALA D 224 -11.21 -27.19 -0.62
C ALA D 224 -10.52 -25.82 -0.63
N VAL D 225 -9.62 -25.59 -1.58
CA VAL D 225 -8.93 -24.30 -1.66
C VAL D 225 -9.91 -23.18 -1.93
N THR D 226 -10.85 -23.39 -2.85
CA THR D 226 -11.86 -22.38 -3.11
C THR D 226 -12.72 -22.13 -1.88
N ASP D 227 -13.02 -23.18 -1.12
CA ASP D 227 -13.79 -23.03 0.10
C ASP D 227 -13.01 -22.25 1.16
N ILE D 228 -11.69 -22.45 1.21
CA ILE D 228 -10.87 -21.75 2.19
C ILE D 228 -10.78 -20.27 1.86
N ILE D 229 -10.71 -19.93 0.57
CA ILE D 229 -10.59 -18.53 0.17
C ILE D 229 -11.84 -17.75 0.55
N ILE D 230 -13.01 -18.38 0.43
CA ILE D 230 -14.26 -17.71 0.81
C ILE D 230 -14.25 -17.36 2.29
N ALA D 231 -13.79 -18.28 3.14
CA ALA D 231 -13.75 -18.03 4.57
C ALA D 231 -12.85 -16.85 4.91
N ASN D 232 -11.67 -16.78 4.28
CA ASN D 232 -10.79 -15.63 4.51
C ASN D 232 -11.38 -14.36 3.93
N ASN D 233 -12.03 -14.45 2.77
CA ASN D 233 -12.67 -13.27 2.18
C ASN D 233 -13.84 -12.79 3.04
N LEU D 234 -14.58 -13.73 3.63
CA LEU D 234 -15.70 -13.35 4.50
C LEU D 234 -15.22 -12.54 5.70
N ARG D 235 -14.12 -12.98 6.32
CA ARG D 235 -13.57 -12.25 7.45
C ARG D 235 -13.07 -10.88 7.03
N GLY D 236 -12.41 -10.79 5.87
CA GLY D 236 -11.92 -9.51 5.40
C GLY D 236 -13.03 -8.54 5.08
N CYS D 237 -14.10 -9.02 4.45
CA CYS D 237 -15.23 -8.18 4.10
C CYS D 237 -16.03 -7.72 5.31
N GLY D 238 -15.81 -8.31 6.48
CA GLY D 238 -16.53 -7.94 7.67
C GLY D 238 -17.87 -8.61 7.85
N LEU D 239 -18.26 -9.51 6.94
CA LEU D 239 -19.54 -10.20 7.07
C LEU D 239 -19.55 -11.08 8.33
N TYR D 240 -18.45 -11.76 8.60
CA TYR D 240 -18.32 -12.55 9.82
C TYR D 240 -17.44 -11.84 10.85
N ASP E 15 33.25 -43.73 30.16
CA ASP E 15 32.78 -43.37 31.49
C ASP E 15 33.83 -42.57 32.26
N GLN E 16 35.09 -43.00 32.16
CA GLN E 16 36.17 -42.27 32.81
C GLN E 16 36.36 -40.90 32.18
N LEU E 17 36.25 -40.82 30.85
CA LEU E 17 36.42 -39.54 30.16
C LEU E 17 35.27 -38.59 30.51
N ARG E 18 34.09 -39.14 30.84
CA ARG E 18 32.98 -38.29 31.25
C ARG E 18 33.30 -37.54 32.53
N GLN E 19 33.95 -38.19 33.48
CA GLN E 19 34.42 -37.50 34.68
C GLN E 19 35.46 -36.45 34.33
N GLU E 20 36.34 -36.76 33.38
CA GLU E 20 37.34 -35.79 32.94
C GLU E 20 36.67 -34.58 32.30
N ALA E 21 35.59 -34.80 31.54
CA ALA E 21 34.86 -33.69 30.94
C ALA E 21 34.25 -32.79 32.01
N GLU E 22 33.70 -33.39 33.07
CA GLU E 22 33.02 -32.61 34.10
C GLU E 22 34.02 -31.75 34.88
N GLN E 23 35.16 -32.32 35.25
CA GLN E 23 36.13 -31.57 36.05
C GLN E 23 36.75 -30.43 35.25
N LEU E 24 36.88 -30.60 33.93
CA LEU E 24 37.39 -29.51 33.10
C LEU E 24 36.43 -28.33 33.09
N LYS E 25 35.12 -28.61 33.07
CA LYS E 25 34.14 -27.53 33.17
C LYS E 25 34.25 -26.81 34.51
N ASN E 26 34.45 -27.57 35.59
CA ASN E 26 34.57 -26.97 36.92
C ASN E 26 35.81 -26.08 37.00
N GLN E 27 36.92 -26.51 36.39
CA GLN E 27 38.12 -25.69 36.39
C GLN E 27 37.90 -24.40 35.63
N ILE E 28 37.21 -24.47 34.49
CA ILE E 28 36.92 -23.27 33.71
C ILE E 28 36.03 -22.32 34.49
N ARG E 29 34.97 -22.87 35.11
CA ARG E 29 34.02 -22.03 35.84
C ARG E 29 34.70 -21.33 37.02
N ASP E 30 35.52 -22.08 37.77
CA ASP E 30 36.21 -21.47 38.91
C ASP E 30 37.20 -20.41 38.45
N ALA E 31 37.96 -20.69 37.39
CA ALA E 31 38.88 -19.70 36.84
C ALA E 31 38.12 -18.50 36.29
N ARG E 32 37.00 -18.74 35.60
CA ARG E 32 36.21 -17.65 35.05
C ARG E 32 35.65 -16.77 36.17
N LYS E 33 35.18 -17.39 37.26
CA LYS E 33 34.64 -16.64 38.39
C LYS E 33 35.72 -15.89 39.15
N ALA E 34 36.95 -16.41 39.20
CA ALA E 34 38.01 -15.74 39.93
C ALA E 34 38.46 -14.46 39.24
N CYS E 35 38.33 -14.39 37.91
CA CYS E 35 38.72 -13.19 37.19
C CYS E 35 37.75 -12.05 37.42
N ALA E 36 36.49 -12.36 37.77
CA ALA E 36 35.49 -11.33 37.96
C ALA E 36 35.76 -10.57 39.26
N ASP E 37 36.02 -9.28 39.14
CA ASP E 37 36.19 -8.40 40.28
C ASP E 37 35.09 -7.36 40.41
N ALA E 38 34.63 -6.80 39.29
CA ALA E 38 33.56 -5.81 39.32
C ALA E 38 32.81 -5.87 38.00
N THR E 39 31.48 -5.79 38.08
CA THR E 39 30.66 -5.84 36.88
C THR E 39 30.85 -4.58 36.04
N LEU E 40 30.49 -4.69 34.75
CA LEU E 40 30.61 -3.55 33.86
C LEU E 40 29.72 -2.40 34.31
N SER E 41 28.49 -2.71 34.73
CA SER E 41 27.55 -1.70 35.18
C SER E 41 27.95 -1.06 36.51
N GLN E 42 28.97 -1.61 37.18
CA GLN E 42 29.46 -1.06 38.43
C GLN E 42 30.66 -0.13 38.25
N ILE E 43 31.46 -0.31 37.20
CA ILE E 43 32.61 0.53 36.94
C ILE E 43 32.24 1.84 36.24
N THR E 44 31.35 1.80 35.26
CA THR E 44 30.97 2.96 34.46
C THR E 44 29.74 3.65 35.02
N ASN E 45 29.57 3.58 36.35
CA ASN E 45 28.45 4.21 37.01
C ASN E 45 28.61 5.72 37.13
N ASN E 46 29.80 6.26 36.83
CA ASN E 46 30.05 7.69 36.87
C ASN E 46 30.00 8.34 35.49
N ILE E 47 29.85 7.56 34.42
CA ILE E 47 29.74 8.13 33.09
C ILE E 47 28.34 8.68 32.87
N ASP E 48 28.26 9.91 32.37
CA ASP E 48 26.97 10.57 32.20
C ASP E 48 26.15 9.84 31.13
N PRO E 49 24.83 9.76 31.29
CA PRO E 49 24.00 9.08 30.28
C PRO E 49 23.99 9.85 28.97
N VAL E 50 23.70 9.10 27.89
CA VAL E 50 23.65 9.69 26.55
C VAL E 50 22.32 10.36 26.26
N GLY E 51 21.40 10.41 27.21
CA GLY E 51 20.12 11.04 27.00
C GLY E 51 19.16 10.22 26.17
N ARG E 52 18.36 10.89 25.35
CA ARG E 52 17.38 10.24 24.48
C ARG E 52 17.86 10.34 23.04
N ILE E 53 18.00 9.19 22.38
CA ILE E 53 18.42 9.15 20.98
C ILE E 53 17.15 9.06 20.14
N GLN E 54 16.62 10.22 19.76
CA GLN E 54 15.44 10.29 18.92
C GLN E 54 15.88 10.26 17.46
N MET E 55 15.53 9.18 16.76
CA MET E 55 15.94 8.97 15.39
C MET E 55 14.72 8.99 14.48
N ARG E 56 14.82 9.74 13.39
CA ARG E 56 13.71 10.01 12.50
C ARG E 56 13.90 9.28 11.17
N THR E 57 12.81 8.77 10.62
CA THR E 57 12.86 8.07 9.34
C THR E 57 13.18 9.05 8.22
N ARG E 58 14.32 8.84 7.56
CA ARG E 58 14.74 9.70 6.46
C ARG E 58 14.34 9.16 5.09
N ARG E 59 14.40 7.85 4.89
CA ARG E 59 14.03 7.22 3.64
C ARG E 59 13.12 6.04 3.91
N THR E 60 12.29 5.71 2.91
CA THR E 60 11.43 4.53 2.95
C THR E 60 11.59 3.82 1.61
N LEU E 61 12.25 2.66 1.63
CA LEU E 61 12.54 1.92 0.41
C LEU E 61 11.45 0.89 0.17
N ARG E 62 10.68 1.08 -0.91
CA ARG E 62 9.58 0.20 -1.27
C ARG E 62 9.82 -0.40 -2.63
N GLY E 63 9.20 -1.56 -2.88
CA GLY E 63 9.38 -2.28 -4.12
C GLY E 63 9.37 -3.78 -3.93
N HIS E 64 9.63 -4.22 -2.70
CA HIS E 64 9.52 -5.63 -2.37
C HIS E 64 8.07 -6.02 -2.17
N LEU E 65 7.72 -7.22 -2.62
CA LEU E 65 6.34 -7.70 -2.56
C LEU E 65 6.21 -8.91 -1.65
N ALA E 66 7.09 -9.05 -0.67
CA ALA E 66 7.06 -10.16 0.27
C ALA E 66 7.90 -9.80 1.48
N LYS E 67 8.01 -10.75 2.41
CA LYS E 67 8.78 -10.51 3.64
C LYS E 67 10.25 -10.32 3.32
N ILE E 68 10.88 -9.38 4.02
CA ILE E 68 12.31 -9.10 3.88
C ILE E 68 13.04 -9.88 4.96
N TYR E 69 13.99 -10.71 4.55
CA TYR E 69 14.70 -11.60 5.47
C TYR E 69 16.14 -11.22 5.72
N ALA E 70 16.76 -10.42 4.86
CA ALA E 70 18.16 -10.06 5.03
C ALA E 70 18.43 -8.75 4.35
N MET E 71 19.55 -8.13 4.74
CA MET E 71 19.97 -6.84 4.20
C MET E 71 21.41 -6.59 4.62
N HIS E 72 22.21 -6.06 3.70
CA HIS E 72 23.61 -5.75 3.98
C HIS E 72 23.96 -4.39 3.39
N TRP E 73 24.79 -3.65 4.11
CA TRP E 73 25.24 -2.34 3.68
C TRP E 73 26.48 -2.45 2.79
N GLY E 74 26.56 -1.56 1.81
CA GLY E 74 27.76 -1.46 1.00
C GLY E 74 28.90 -0.81 1.78
N THR E 75 30.13 -1.10 1.34
CA THR E 75 31.30 -0.55 2.03
C THR E 75 31.40 0.96 1.90
N ASP E 76 30.73 1.55 0.89
CA ASP E 76 30.74 2.98 0.69
C ASP E 76 29.58 3.69 1.38
N SER E 77 28.76 2.94 2.13
CA SER E 77 27.65 3.49 2.90
C SER E 77 26.62 4.18 2.02
N ARG E 78 26.49 3.74 0.77
CA ARG E 78 25.51 4.34 -0.13
C ARG E 78 24.67 3.28 -0.81
N LEU E 79 25.22 2.08 -1.01
CA LEU E 79 24.53 1.01 -1.71
C LEU E 79 24.07 -0.05 -0.73
N LEU E 80 22.83 -0.51 -0.94
CA LEU E 80 22.22 -1.53 -0.11
C LEU E 80 21.88 -2.75 -0.94
N VAL E 81 21.59 -3.85 -0.26
CA VAL E 81 21.11 -5.09 -0.88
C VAL E 81 20.08 -5.70 0.06
N SER E 82 19.02 -6.27 -0.52
CA SER E 82 17.93 -6.83 0.28
C SER E 82 17.32 -8.01 -0.46
N ALA E 83 17.09 -9.10 0.27
CA ALA E 83 16.49 -10.31 -0.28
C ALA E 83 15.11 -10.51 0.34
N SER E 84 14.19 -11.05 -0.46
CA SER E 84 12.81 -11.24 -0.02
C SER E 84 12.28 -12.57 -0.54
N GLN E 85 11.14 -12.98 0.03
CA GLN E 85 10.48 -14.22 -0.38
C GLN E 85 9.97 -14.17 -1.82
N ASP E 86 9.83 -12.98 -2.41
CA ASP E 86 9.32 -12.87 -3.77
C ASP E 86 10.31 -13.41 -4.81
N GLY E 87 11.54 -13.69 -4.43
CA GLY E 87 12.54 -14.18 -5.35
C GLY E 87 13.34 -13.10 -6.05
N LYS E 88 13.28 -11.86 -5.59
CA LYS E 88 13.97 -10.75 -6.21
C LYS E 88 15.09 -10.25 -5.29
N LEU E 89 16.21 -9.89 -5.90
CA LEU E 89 17.35 -9.32 -5.19
C LEU E 89 17.57 -7.91 -5.71
N ILE E 90 17.33 -6.91 -4.87
CA ILE E 90 17.34 -5.52 -5.26
C ILE E 90 18.52 -4.82 -4.62
N ILE E 91 19.23 -4.00 -5.40
CA ILE E 91 20.32 -3.17 -4.92
C ILE E 91 19.85 -1.73 -4.95
N TRP E 92 19.84 -1.07 -3.80
CA TRP E 92 19.29 0.25 -3.65
C TRP E 92 20.38 1.31 -3.60
N ASP E 93 20.06 2.50 -4.12
CA ASP E 93 20.86 3.70 -3.89
C ASP E 93 20.29 4.39 -2.67
N SER E 94 20.96 4.24 -1.53
CA SER E 94 20.40 4.68 -0.25
C SER E 94 20.22 6.19 -0.17
N TYR E 95 20.86 6.97 -1.05
CA TYR E 95 20.72 8.42 -0.99
C TYR E 95 19.49 8.88 -1.75
N THR E 96 19.36 8.51 -3.02
CA THR E 96 18.28 8.95 -3.87
C THR E 96 17.17 7.92 -4.04
N THR E 97 17.24 6.80 -3.32
CA THR E 97 16.21 5.76 -3.34
C THR E 97 15.96 5.21 -4.74
N ASN E 98 17.04 4.98 -5.47
CA ASN E 98 16.93 4.49 -6.84
C ASN E 98 17.34 3.02 -6.80
N LYS E 99 16.78 2.18 -7.64
CA LYS E 99 17.10 0.76 -7.73
C LYS E 99 18.20 0.58 -8.77
N VAL E 100 19.38 0.16 -8.33
CA VAL E 100 20.50 -0.02 -9.24
C VAL E 100 20.40 -1.34 -9.98
N HIS E 101 20.13 -2.42 -9.25
CA HIS E 101 20.06 -3.75 -9.84
C HIS E 101 18.84 -4.49 -9.29
N ALA E 102 18.35 -5.44 -10.08
CA ALA E 102 17.27 -6.32 -9.67
C ALA E 102 17.60 -7.72 -10.18
N ILE E 103 17.99 -8.61 -9.27
CA ILE E 103 18.49 -9.93 -9.60
C ILE E 103 17.41 -10.96 -9.26
N PRO E 104 16.87 -11.67 -10.25
CA PRO E 104 15.89 -12.73 -9.97
C PRO E 104 16.59 -13.99 -9.49
N LEU E 105 16.16 -14.50 -8.34
CA LEU E 105 16.75 -15.68 -7.76
C LEU E 105 16.11 -16.95 -8.33
N ARG E 106 16.81 -18.07 -8.20
CA ARG E 106 16.26 -19.36 -8.62
C ARG E 106 15.25 -19.89 -7.60
N SER E 107 15.59 -19.82 -6.32
CA SER E 107 14.72 -20.27 -5.24
C SER E 107 14.21 -19.07 -4.47
N SER E 108 12.89 -19.01 -4.26
CA SER E 108 12.27 -17.90 -3.56
C SER E 108 12.50 -17.93 -2.05
N TRP E 109 13.06 -19.02 -1.52
CA TRP E 109 13.26 -19.19 -0.09
C TRP E 109 14.70 -18.78 0.25
N VAL E 110 14.89 -17.48 0.44
CA VAL E 110 16.17 -16.89 0.79
C VAL E 110 16.12 -16.41 2.23
N MET E 111 17.11 -16.81 3.03
CA MET E 111 17.15 -16.48 4.45
C MET E 111 18.30 -15.55 4.82
N THR E 112 19.30 -15.41 3.96
CA THR E 112 20.42 -14.53 4.25
C THR E 112 20.92 -13.93 2.94
N CYS E 113 21.62 -12.80 3.05
CA CYS E 113 22.03 -12.15 1.82
C CYS E 113 23.13 -11.13 2.13
N ALA E 114 24.29 -11.27 1.50
CA ALA E 114 25.49 -10.53 1.89
C ALA E 114 25.99 -9.67 0.73
N TYR E 115 26.83 -8.70 1.07
CA TYR E 115 27.41 -7.76 0.11
C TYR E 115 28.92 -7.78 0.24
N ALA E 116 29.60 -7.82 -0.90
CA ALA E 116 31.05 -7.92 -0.91
C ALA E 116 31.71 -6.62 -0.40
N PRO E 117 32.86 -6.72 0.26
CA PRO E 117 33.54 -5.51 0.73
C PRO E 117 34.09 -4.65 -0.41
N SER E 118 34.23 -5.19 -1.61
CA SER E 118 34.73 -4.44 -2.76
C SER E 118 33.62 -3.94 -3.67
N GLY E 119 32.39 -4.40 -3.47
CA GLY E 119 31.27 -4.01 -4.30
C GLY E 119 31.17 -4.74 -5.63
N ASN E 120 32.05 -5.70 -5.89
CA ASN E 120 32.06 -6.41 -7.16
C ASN E 120 31.07 -7.57 -7.20
N TYR E 121 30.91 -8.28 -6.08
CA TYR E 121 30.08 -9.48 -6.03
C TYR E 121 28.97 -9.32 -5.01
N VAL E 122 28.02 -10.25 -5.06
CA VAL E 122 26.95 -10.34 -4.07
C VAL E 122 26.56 -11.80 -3.88
N ALA E 123 26.74 -12.31 -2.66
CA ALA E 123 26.35 -13.67 -2.33
C ALA E 123 25.07 -13.63 -1.51
N CYS E 124 24.11 -14.47 -1.88
CA CYS E 124 22.77 -14.31 -1.34
C CYS E 124 22.03 -15.63 -1.50
N GLY E 125 21.79 -16.32 -0.39
CA GLY E 125 21.28 -17.68 -0.43
C GLY E 125 20.35 -17.96 0.74
N GLY E 126 19.85 -19.21 0.80
CA GLY E 126 18.81 -19.55 1.74
C GLY E 126 18.49 -21.02 1.87
N LEU E 127 17.20 -21.36 1.89
CA LEU E 127 16.72 -22.71 2.17
C LEU E 127 17.14 -23.73 1.11
N ASP E 128 17.64 -23.28 -0.04
CA ASP E 128 18.05 -24.18 -1.10
C ASP E 128 19.39 -24.87 -0.83
N ASN E 129 19.98 -24.66 0.35
CA ASN E 129 21.23 -25.28 0.78
C ASN E 129 22.41 -24.88 -0.10
N ILE E 130 22.25 -23.83 -0.91
CA ILE E 130 23.27 -23.41 -1.86
C ILE E 130 23.53 -21.92 -1.67
N CYS E 131 24.80 -21.55 -1.65
CA CYS E 131 25.21 -20.14 -1.56
C CYS E 131 25.52 -19.65 -2.96
N SER E 132 24.58 -18.89 -3.54
CA SER E 132 24.76 -18.37 -4.89
C SER E 132 25.49 -17.03 -4.85
N ILE E 133 26.49 -16.89 -5.70
CA ILE E 133 27.31 -15.69 -5.77
C ILE E 133 27.12 -15.06 -7.14
N TYR E 134 26.79 -13.77 -7.16
CA TYR E 134 26.46 -13.05 -8.38
C TYR E 134 27.52 -11.99 -8.64
N ASN E 135 27.86 -11.81 -9.91
CA ASN E 135 28.86 -10.83 -10.33
C ASN E 135 28.14 -9.60 -10.88
N LEU E 136 28.46 -8.43 -10.32
CA LEU E 136 27.80 -7.20 -10.71
C LEU E 136 28.54 -6.47 -11.83
N LYS E 137 29.87 -6.45 -11.78
CA LYS E 137 30.68 -5.73 -12.77
C LYS E 137 31.06 -6.67 -13.91
N THR E 138 30.06 -7.00 -14.72
CA THR E 138 30.27 -7.85 -15.89
C THR E 138 30.34 -7.00 -17.15
N ARG E 139 31.05 -7.53 -18.15
CA ARG E 139 31.22 -6.84 -19.42
C ARG E 139 29.99 -6.88 -20.30
N GLU E 140 29.05 -7.79 -20.04
CA GLU E 140 27.83 -7.93 -20.82
C GLU E 140 26.71 -7.02 -20.34
N GLY E 141 26.90 -6.32 -19.22
CA GLY E 141 25.91 -5.39 -18.73
C GLY E 141 24.87 -5.97 -17.80
N ASN E 142 24.84 -7.30 -17.63
CA ASN E 142 23.87 -7.95 -16.77
C ASN E 142 24.57 -8.61 -15.59
N VAL E 143 23.77 -9.08 -14.64
CA VAL E 143 24.26 -9.75 -13.44
C VAL E 143 24.10 -11.25 -13.64
N ARG E 144 25.21 -11.98 -13.53
CA ARG E 144 25.23 -13.42 -13.77
C ARG E 144 25.63 -14.16 -12.49
N VAL E 145 25.22 -15.42 -12.41
CA VAL E 145 25.55 -16.28 -11.28
C VAL E 145 26.96 -16.79 -11.51
N SER E 146 27.95 -16.21 -10.82
CA SER E 146 29.33 -16.62 -11.03
C SER E 146 29.58 -18.04 -10.53
N ARG E 147 29.17 -18.33 -9.31
CA ARG E 147 29.41 -19.64 -8.71
C ARG E 147 28.26 -19.99 -7.77
N GLU E 148 27.90 -21.26 -7.73
CA GLU E 148 26.92 -21.79 -6.78
C GLU E 148 27.64 -22.79 -5.88
N LEU E 149 27.75 -22.44 -4.60
CA LEU E 149 28.47 -23.28 -3.65
C LEU E 149 27.51 -24.30 -3.02
N ALA E 150 27.89 -25.57 -3.06
CA ALA E 150 27.10 -26.66 -2.52
C ALA E 150 27.95 -27.51 -1.60
N GLY E 151 27.29 -28.21 -0.67
CA GLY E 151 27.97 -29.03 0.29
C GLY E 151 27.36 -28.98 1.68
N HIS E 152 26.32 -28.17 1.84
CA HIS E 152 25.59 -28.08 3.09
C HIS E 152 24.29 -28.85 3.01
N THR E 153 23.98 -29.61 4.06
CA THR E 153 22.77 -30.42 4.12
C THR E 153 21.65 -29.73 4.90
N GLY E 154 21.81 -28.45 5.23
CA GLY E 154 20.80 -27.71 5.96
C GLY E 154 20.68 -26.31 5.42
N TYR E 155 19.62 -25.63 5.85
CA TYR E 155 19.35 -24.28 5.40
C TYR E 155 20.50 -23.34 5.74
N LEU E 156 20.74 -22.35 4.88
CA LEU E 156 21.91 -21.49 4.98
C LEU E 156 21.54 -20.18 5.66
N SER E 157 22.50 -19.60 6.37
CA SER E 157 22.26 -18.35 7.08
C SER E 157 23.57 -17.61 7.27
N CYS E 158 23.50 -16.27 7.20
CA CYS E 158 24.60 -15.37 7.48
C CYS E 158 25.84 -15.68 6.66
N CYS E 159 25.70 -15.49 5.35
CA CYS E 159 26.85 -15.42 4.47
C CYS E 159 27.65 -14.16 4.79
N ARG E 160 28.97 -14.28 4.76
CA ARG E 160 29.84 -13.12 5.01
C ARG E 160 31.08 -13.23 4.14
N PHE E 161 31.30 -12.21 3.32
CA PHE E 161 32.47 -12.17 2.47
C PHE E 161 33.72 -11.82 3.26
N LEU E 162 34.79 -12.59 3.05
CA LEU E 162 36.11 -12.23 3.55
C LEU E 162 36.88 -11.38 2.53
N ASP E 163 36.98 -11.87 1.30
CA ASP E 163 37.57 -11.14 0.18
C ASP E 163 36.69 -11.37 -1.03
N ASP E 164 37.21 -11.03 -2.22
CA ASP E 164 36.48 -11.31 -3.45
C ASP E 164 36.51 -12.78 -3.84
N ASN E 165 37.31 -13.60 -3.14
CA ASN E 165 37.46 -15.01 -3.49
C ASN E 165 37.45 -15.89 -2.23
N GLN E 166 36.74 -15.46 -1.19
CA GLN E 166 36.74 -16.20 0.08
C GLN E 166 35.53 -15.75 0.88
N ILE E 167 34.69 -16.71 1.30
CA ILE E 167 33.44 -16.42 1.98
C ILE E 167 33.21 -17.46 3.07
N VAL E 168 32.64 -17.01 4.20
CA VAL E 168 32.26 -17.88 5.30
C VAL E 168 30.74 -17.99 5.33
N THR E 169 30.23 -19.21 5.49
CA THR E 169 28.80 -19.47 5.50
C THR E 169 28.43 -20.27 6.73
N SER E 170 27.16 -20.16 7.13
CA SER E 170 26.60 -20.90 8.25
C SER E 170 25.34 -21.63 7.81
N SER E 171 25.13 -22.82 8.40
CA SER E 171 24.00 -23.65 8.02
C SER E 171 23.40 -24.29 9.28
N GLY E 172 22.31 -25.02 9.06
CA GLY E 172 21.64 -25.77 10.10
C GLY E 172 22.26 -27.11 10.42
N ASP E 173 23.38 -27.44 9.78
CA ASP E 173 24.09 -28.68 10.03
C ASP E 173 24.92 -28.63 11.32
N THR E 174 24.66 -27.66 12.18
CA THR E 174 25.44 -27.41 13.40
C THR E 174 26.90 -27.12 13.10
N THR E 175 27.20 -26.63 11.90
CA THR E 175 28.57 -26.36 11.50
C THR E 175 28.59 -25.17 10.55
N CYS E 176 29.73 -24.49 10.50
CA CYS E 176 29.99 -23.43 9.53
C CYS E 176 31.13 -23.86 8.60
N ALA E 177 31.22 -23.18 7.46
CA ALA E 177 32.16 -23.55 6.43
C ALA E 177 32.90 -22.34 5.89
N LEU E 178 34.13 -22.56 5.46
CA LEU E 178 34.94 -21.55 4.79
C LEU E 178 35.15 -22.00 3.34
N TRP E 179 34.79 -21.15 2.40
CA TRP E 179 34.74 -21.52 1.00
C TRP E 179 35.82 -20.78 0.20
N ASP E 180 36.11 -21.34 -0.98
CA ASP E 180 36.97 -20.71 -1.97
C ASP E 180 36.14 -20.56 -3.24
N ILE E 181 35.82 -19.32 -3.60
CA ILE E 181 34.88 -19.07 -4.69
C ILE E 181 35.47 -19.52 -6.02
N GLU E 182 36.77 -19.36 -6.22
CA GLU E 182 37.39 -19.72 -7.48
C GLU E 182 37.23 -21.21 -7.77
N THR E 183 37.82 -22.05 -6.91
CA THR E 183 37.73 -23.49 -7.11
C THR E 183 36.32 -24.00 -6.84
N GLY E 184 35.69 -23.51 -5.79
CA GLY E 184 34.37 -23.95 -5.41
C GLY E 184 34.32 -25.02 -4.33
N GLN E 185 35.48 -25.37 -3.75
CA GLN E 185 35.55 -26.42 -2.74
C GLN E 185 35.56 -25.82 -1.35
N GLN E 186 35.07 -26.59 -0.39
CA GLN E 186 35.00 -26.18 1.01
C GLN E 186 36.39 -26.30 1.62
N THR E 187 37.09 -25.15 1.75
CA THR E 187 38.46 -25.17 2.23
C THR E 187 38.52 -25.63 3.69
N THR E 188 37.67 -25.08 4.55
CA THR E 188 37.68 -25.40 5.96
C THR E 188 36.25 -25.59 6.45
N THR E 189 36.09 -26.51 7.40
CA THR E 189 34.81 -26.77 8.04
C THR E 189 34.98 -26.65 9.55
N PHE E 190 34.10 -25.89 10.18
CA PHE E 190 34.15 -25.64 11.61
C PHE E 190 33.01 -26.39 12.29
N THR E 191 33.35 -27.32 13.17
CA THR E 191 32.37 -28.14 13.88
C THR E 191 32.50 -27.93 15.38
N GLY E 192 31.43 -28.28 16.09
CA GLY E 192 31.43 -28.18 17.54
C GLY E 192 30.09 -27.78 18.12
N HIS E 193 29.22 -27.19 17.31
CA HIS E 193 27.89 -26.82 17.78
C HIS E 193 26.99 -28.06 17.87
N THR E 194 26.01 -27.98 18.77
CA THR E 194 25.03 -29.05 18.96
C THR E 194 23.63 -28.57 18.60
N GLY E 195 23.53 -27.67 17.64
CA GLY E 195 22.24 -27.16 17.20
C GLY E 195 22.43 -26.29 15.99
N ASP E 196 21.31 -25.92 15.38
CA ASP E 196 21.35 -25.11 14.17
C ASP E 196 22.04 -23.77 14.45
N VAL E 197 22.98 -23.41 13.58
CA VAL E 197 23.72 -22.16 13.73
C VAL E 197 22.96 -21.08 12.97
N MET E 198 22.51 -20.05 13.68
CA MET E 198 21.60 -19.06 13.12
C MET E 198 22.28 -17.80 12.65
N SER E 199 23.51 -17.52 13.10
CA SER E 199 24.15 -16.26 12.71
C SER E 199 25.65 -16.36 12.90
N LEU E 200 26.36 -15.49 12.20
CA LEU E 200 27.79 -15.29 12.40
C LEU E 200 28.14 -13.86 12.02
N SER E 201 29.26 -13.38 12.54
CA SER E 201 29.75 -12.05 12.24
C SER E 201 31.27 -12.10 12.15
N LEU E 202 31.82 -11.33 11.21
CA LEU E 202 33.26 -11.31 10.98
C LEU E 202 33.90 -10.16 11.74
N ALA E 203 35.03 -10.46 12.39
CA ALA E 203 35.73 -9.45 13.17
C ALA E 203 36.36 -8.41 12.25
N PRO E 204 36.59 -7.19 12.74
CA PRO E 204 37.23 -6.16 11.90
C PRO E 204 38.61 -6.57 11.38
N ASP E 205 39.38 -7.31 12.17
CA ASP E 205 40.69 -7.77 11.73
C ASP E 205 40.62 -8.99 10.82
N THR E 206 39.42 -9.37 10.38
CA THR E 206 39.17 -10.42 9.36
C THR E 206 39.98 -11.69 9.61
N ARG E 207 40.29 -11.98 10.86
CA ARG E 207 41.02 -13.19 11.22
C ARG E 207 40.28 -14.06 12.21
N LEU E 208 39.16 -13.59 12.77
CA LEU E 208 38.35 -14.37 13.69
C LEU E 208 36.89 -14.07 13.43
N PHE E 209 36.02 -14.97 13.90
CA PHE E 209 34.59 -14.75 13.80
C PHE E 209 33.88 -15.59 14.86
N VAL E 210 32.67 -15.17 15.20
CA VAL E 210 31.84 -15.82 16.20
C VAL E 210 30.52 -16.23 15.57
N SER E 211 30.04 -17.40 15.94
CA SER E 211 28.79 -17.94 15.41
C SER E 211 27.84 -18.27 16.55
N GLY E 212 26.60 -17.80 16.43
CA GLY E 212 25.56 -18.10 17.40
C GLY E 212 24.65 -19.20 16.88
N ALA E 213 24.45 -20.21 17.70
CA ALA E 213 23.71 -21.40 17.31
C ALA E 213 22.47 -21.55 18.19
N CYS E 214 21.72 -22.63 17.95
CA CYS E 214 20.48 -22.91 18.66
C CYS E 214 20.70 -23.61 19.99
N ASP E 215 21.94 -23.98 20.31
CA ASP E 215 22.25 -24.62 21.59
C ASP E 215 22.52 -23.61 22.69
N ALA E 216 22.06 -22.36 22.52
CA ALA E 216 22.24 -21.30 23.52
C ALA E 216 23.71 -21.08 23.84
N SER E 217 24.56 -21.15 22.83
CA SER E 217 25.99 -20.94 23.01
C SER E 217 26.57 -20.31 21.76
N ALA E 218 27.45 -19.33 21.96
CA ALA E 218 28.22 -18.72 20.89
C ALA E 218 29.70 -18.93 21.17
N LYS E 219 30.43 -19.40 20.16
CA LYS E 219 31.82 -19.80 20.35
C LYS E 219 32.70 -19.15 19.29
N LEU E 220 33.87 -18.69 19.72
CA LEU E 220 34.81 -17.97 18.85
C LEU E 220 35.63 -18.97 18.05
N TRP E 221 35.73 -18.74 16.75
CA TRP E 221 36.41 -19.62 15.82
C TRP E 221 37.52 -18.88 15.09
N ASP E 222 38.55 -19.64 14.70
CA ASP E 222 39.70 -19.11 13.98
C ASP E 222 39.57 -19.51 12.51
N VAL E 223 39.62 -18.52 11.63
CA VAL E 223 39.48 -18.78 10.20
C VAL E 223 40.70 -19.48 9.61
N ARG E 224 41.88 -19.23 10.15
CA ARG E 224 43.11 -19.80 9.59
C ARG E 224 43.35 -21.23 10.07
N GLU E 225 43.06 -21.53 11.33
CA GLU E 225 43.32 -22.84 11.89
C GLU E 225 42.09 -23.72 12.03
N GLY E 226 40.89 -23.15 11.96
CA GLY E 226 39.67 -23.93 12.16
C GLY E 226 39.55 -24.49 13.57
N MET E 227 39.87 -23.70 14.58
CA MET E 227 39.90 -24.14 15.96
C MET E 227 38.93 -23.31 16.79
N CYS E 228 38.12 -23.97 17.62
CA CYS E 228 37.22 -23.29 18.54
C CYS E 228 38.05 -22.76 19.71
N ARG E 229 38.48 -21.50 19.58
CA ARG E 229 39.36 -20.92 20.58
C ARG E 229 38.67 -20.78 21.94
N GLN E 230 37.40 -20.36 21.93
CA GLN E 230 36.67 -20.14 23.17
C GLN E 230 35.17 -20.29 22.90
N THR E 231 34.44 -20.62 23.97
CA THR E 231 32.98 -20.74 23.91
C THR E 231 32.36 -19.86 24.98
N PHE E 232 31.15 -19.38 24.70
CA PHE E 232 30.46 -18.44 25.58
C PHE E 232 29.05 -18.95 25.84
N THR E 233 28.64 -18.94 27.10
CA THR E 233 27.33 -19.41 27.51
C THR E 233 26.63 -18.35 28.35
N GLY E 234 25.38 -18.62 28.69
CA GLY E 234 24.61 -17.72 29.52
C GLY E 234 23.18 -17.54 29.08
N HIS E 235 22.93 -17.66 27.78
CA HIS E 235 21.57 -17.51 27.27
C HIS E 235 20.71 -18.70 27.65
N GLU E 236 19.41 -18.45 27.81
CA GLU E 236 18.46 -19.50 28.12
C GLU E 236 17.79 -20.11 26.90
N SER E 237 17.78 -19.39 25.77
CA SER E 237 17.18 -19.90 24.55
C SER E 237 18.16 -19.81 23.39
N ASP E 238 17.69 -20.13 22.19
CA ASP E 238 18.56 -20.12 21.01
C ASP E 238 19.01 -18.71 20.67
N ILE E 239 20.27 -18.56 20.29
CA ILE E 239 20.82 -17.28 19.87
C ILE E 239 20.41 -17.01 18.43
N ASN E 240 19.90 -15.81 18.18
CA ASN E 240 19.36 -15.46 16.88
C ASN E 240 20.21 -14.47 16.08
N ALA E 241 21.08 -13.71 16.75
CA ALA E 241 21.91 -12.73 16.06
C ALA E 241 23.17 -12.49 16.86
N ILE E 242 24.18 -11.92 16.20
CA ILE E 242 25.47 -11.68 16.82
C ILE E 242 26.18 -10.57 16.05
N CYS E 243 27.00 -9.80 16.76
CA CYS E 243 27.78 -8.72 16.15
C CYS E 243 28.88 -8.31 17.11
N PHE E 244 30.06 -8.04 16.54
CA PHE E 244 31.23 -7.63 17.32
C PHE E 244 31.12 -6.19 17.80
N PHE E 245 31.80 -5.90 18.90
CA PHE E 245 32.11 -4.54 19.26
C PHE E 245 33.05 -3.95 18.20
N PRO E 246 32.99 -2.64 17.94
CA PRO E 246 33.79 -2.08 16.83
C PRO E 246 35.29 -2.34 16.94
N ASN E 247 35.84 -2.51 18.14
CA ASN E 247 37.27 -2.75 18.29
C ASN E 247 37.65 -4.22 18.12
N GLY E 248 36.68 -5.10 17.92
CA GLY E 248 36.95 -6.52 17.78
C GLY E 248 37.46 -7.18 19.04
N ASN E 249 37.00 -6.74 20.21
CA ASN E 249 37.36 -7.36 21.48
C ASN E 249 36.14 -7.82 22.27
N ALA E 250 34.93 -7.62 21.75
CA ALA E 250 33.71 -8.04 22.41
C ALA E 250 32.62 -8.16 21.36
N PHE E 251 31.53 -8.84 21.73
CA PHE E 251 30.41 -9.02 20.83
C PHE E 251 29.12 -9.09 21.63
N ALA E 252 28.01 -8.81 20.94
CA ALA E 252 26.68 -8.83 21.54
C ALA E 252 25.80 -9.81 20.80
N THR E 253 24.97 -10.53 21.55
CA THR E 253 24.10 -11.56 21.00
C THR E 253 22.64 -11.23 21.29
N GLY E 254 21.77 -11.75 20.43
CA GLY E 254 20.33 -11.63 20.63
C GLY E 254 19.66 -12.97 20.55
N SER E 255 18.82 -13.30 21.52
CA SER E 255 18.23 -14.62 21.63
C SER E 255 16.70 -14.52 21.67
N ASP E 256 16.05 -15.68 21.60
CA ASP E 256 14.61 -15.76 21.81
C ASP E 256 14.22 -15.54 23.26
N ASP E 257 15.21 -15.51 24.17
CA ASP E 257 14.98 -15.24 25.59
C ASP E 257 14.61 -13.78 25.85
N ALA E 258 14.50 -12.96 24.82
CA ALA E 258 14.21 -11.54 24.94
C ALA E 258 15.28 -10.80 25.75
N THR E 259 16.51 -11.29 25.68
CA THR E 259 17.63 -10.70 26.40
C THR E 259 18.82 -10.54 25.44
N CYS E 260 19.56 -9.45 25.62
CA CYS E 260 20.81 -9.22 24.91
C CYS E 260 21.96 -9.24 25.91
N ARG E 261 23.09 -9.77 25.48
CA ARG E 261 24.23 -9.96 26.37
C ARG E 261 25.51 -9.54 25.65
N LEU E 262 26.47 -9.06 26.43
CA LEU E 262 27.74 -8.59 25.91
C LEU E 262 28.85 -9.45 26.49
N PHE E 263 29.56 -10.18 25.62
CA PHE E 263 30.64 -11.07 26.02
C PHE E 263 31.97 -10.50 25.61
N ASP E 264 32.98 -10.66 26.46
CA ASP E 264 34.32 -10.16 26.21
C ASP E 264 35.22 -11.33 25.85
N LEU E 265 35.94 -11.20 24.72
CA LEU E 265 36.82 -12.26 24.26
C LEU E 265 38.00 -12.50 25.20
N ARG E 266 38.56 -11.43 25.78
CA ARG E 266 39.71 -11.58 26.65
C ARG E 266 39.35 -12.11 28.03
N ALA E 267 38.21 -11.70 28.58
CA ALA E 267 37.81 -12.16 29.90
C ALA E 267 37.01 -13.46 29.86
N ASP E 268 36.52 -13.85 28.68
CA ASP E 268 35.71 -15.06 28.49
C ASP E 268 34.45 -15.08 29.35
N GLN E 269 33.95 -13.92 29.76
CA GLN E 269 32.75 -13.83 30.58
C GLN E 269 31.87 -12.71 30.08
N GLU E 270 30.56 -12.90 30.20
CA GLU E 270 29.63 -11.84 29.82
C GLU E 270 29.80 -10.64 30.74
N LEU E 271 29.60 -9.45 30.18
CA LEU E 271 29.79 -8.22 30.94
C LEU E 271 28.50 -7.70 31.55
N MET E 272 27.43 -7.60 30.76
CA MET E 272 26.15 -7.13 31.27
C MET E 272 25.04 -7.63 30.36
N THR E 273 23.81 -7.56 30.86
CA THR E 273 22.62 -7.99 30.16
C THR E 273 21.75 -6.78 29.83
N TYR E 274 20.96 -6.90 28.78
CA TYR E 274 20.14 -5.82 28.25
C TYR E 274 18.67 -6.22 28.25
N SER E 275 18.21 -6.76 29.38
CA SER E 275 16.84 -7.22 29.53
C SER E 275 15.99 -6.11 30.15
N HIS E 276 14.76 -5.98 29.64
CA HIS E 276 13.78 -5.05 30.18
C HIS E 276 12.52 -5.81 30.51
N ASP E 277 11.86 -5.41 31.60
CA ASP E 277 10.69 -6.15 32.08
C ASP E 277 9.53 -6.10 31.09
N ASN E 278 9.45 -5.03 30.27
CA ASN E 278 8.36 -4.90 29.33
C ASN E 278 8.58 -5.70 28.04
N ILE E 279 9.76 -6.27 27.85
CA ILE E 279 10.07 -7.01 26.63
C ILE E 279 9.67 -8.47 26.83
N ILE E 280 8.90 -9.00 25.89
CA ILE E 280 8.46 -10.39 25.94
C ILE E 280 9.06 -11.21 24.81
N CYS E 281 9.02 -10.67 23.59
CA CYS E 281 9.48 -11.40 22.41
C CYS E 281 11.00 -11.30 22.26
N GLY E 282 11.57 -12.29 21.57
CA GLY E 282 13.01 -12.38 21.41
C GLY E 282 13.57 -11.42 20.37
N ILE E 283 14.89 -11.27 20.41
CA ILE E 283 15.63 -10.39 19.52
C ILE E 283 15.87 -11.10 18.20
N THR E 284 15.70 -10.35 17.10
CA THR E 284 15.97 -10.89 15.77
C THR E 284 17.31 -10.44 15.19
N SER E 285 17.70 -9.19 15.39
CA SER E 285 18.94 -8.66 14.84
C SER E 285 19.68 -7.87 15.90
N VAL E 286 21.00 -7.82 15.76
CA VAL E 286 21.85 -7.08 16.69
C VAL E 286 22.88 -6.30 15.88
N SER E 287 23.06 -5.03 16.23
CA SER E 287 24.02 -4.18 15.54
C SER E 287 24.58 -3.16 16.51
N PHE E 288 25.75 -2.63 16.16
CA PHE E 288 26.45 -1.65 16.98
C PHE E 288 26.61 -0.36 16.20
N SER E 289 26.85 0.73 16.94
CA SER E 289 27.15 2.01 16.32
C SER E 289 28.65 2.10 16.01
N LYS E 290 29.03 3.17 15.31
CA LYS E 290 30.43 3.36 14.96
C LYS E 290 31.30 3.56 16.19
N SER E 291 30.74 4.13 17.26
CA SER E 291 31.50 4.39 18.47
C SER E 291 31.52 3.20 19.43
N GLY E 292 30.49 2.36 19.40
CA GLY E 292 30.39 1.26 20.34
C GLY E 292 29.70 1.66 21.62
N ARG E 293 28.65 2.47 21.50
CA ARG E 293 27.90 2.93 22.65
C ARG E 293 26.42 2.62 22.57
N LEU E 294 25.83 2.70 21.37
CA LEU E 294 24.43 2.39 21.15
C LEU E 294 24.34 0.99 20.53
N LEU E 295 23.67 0.08 21.24
CA LEU E 295 23.47 -1.28 20.76
C LEU E 295 22.04 -1.39 20.24
N LEU E 296 21.89 -1.34 18.92
CA LEU E 296 20.58 -1.45 18.30
C LEU E 296 20.18 -2.91 18.16
N ALA E 297 18.92 -3.20 18.50
CA ALA E 297 18.43 -4.57 18.45
C ALA E 297 17.00 -4.57 17.92
N GLY E 298 16.72 -5.48 16.99
CA GLY E 298 15.39 -5.64 16.43
C GLY E 298 14.63 -6.71 17.19
N TYR E 299 13.36 -6.44 17.46
CA TYR E 299 12.53 -7.33 18.24
C TYR E 299 11.34 -7.82 17.41
N ASP E 300 10.67 -8.85 17.92
CA ASP E 300 9.53 -9.42 17.20
C ASP E 300 8.25 -8.62 17.39
N ASP E 301 8.23 -7.65 18.31
CA ASP E 301 7.07 -6.81 18.54
C ASP E 301 7.06 -5.56 17.67
N PHE E 302 7.68 -5.63 16.49
CA PHE E 302 7.57 -4.67 15.39
C PHE E 302 8.38 -3.40 15.59
N ASN E 303 9.09 -3.25 16.70
CA ASN E 303 9.85 -2.04 16.97
C ASN E 303 11.27 -2.39 17.42
N CYS E 304 12.21 -1.52 17.09
CA CYS E 304 13.60 -1.66 17.49
C CYS E 304 13.90 -0.76 18.67
N ASN E 305 14.76 -1.24 19.57
CA ASN E 305 15.16 -0.48 20.75
C ASN E 305 16.65 -0.15 20.66
N VAL E 306 17.01 1.02 21.20
CA VAL E 306 18.39 1.46 21.25
C VAL E 306 18.86 1.35 22.69
N TRP E 307 19.87 0.52 22.93
CA TRP E 307 20.41 0.28 24.26
C TRP E 307 21.76 0.97 24.42
N ASP E 308 21.90 1.72 25.51
CA ASP E 308 23.20 2.28 25.88
C ASP E 308 24.07 1.13 26.35
N ALA E 309 25.06 0.75 25.54
CA ALA E 309 25.78 -0.50 25.72
C ALA E 309 26.62 -0.51 27.00
N LEU E 310 26.73 0.64 27.67
CA LEU E 310 27.51 0.73 28.90
C LEU E 310 26.66 0.78 30.17
N LYS E 311 25.39 1.19 30.08
CA LYS E 311 24.53 1.30 31.25
C LYS E 311 23.24 0.50 31.13
N ALA E 312 23.02 -0.20 30.02
CA ALA E 312 21.83 -1.02 29.82
C ALA E 312 20.55 -0.20 29.99
N ASP E 313 20.58 1.04 29.50
CA ASP E 313 19.43 1.94 29.56
C ASP E 313 18.86 2.12 28.15
N ARG E 314 17.54 2.02 28.03
CA ARG E 314 16.89 2.20 26.74
C ARG E 314 16.98 3.66 26.31
N ALA E 315 17.88 3.97 25.38
CA ALA E 315 18.08 5.33 24.90
C ALA E 315 17.25 5.61 23.65
N GLY E 316 15.95 5.36 23.72
CA GLY E 316 15.04 5.65 22.64
C GLY E 316 14.56 4.39 21.95
N VAL E 317 13.51 4.57 21.15
CA VAL E 317 12.90 3.48 20.40
C VAL E 317 12.63 3.97 18.98
N LEU E 318 12.94 3.12 18.01
CA LEU E 318 12.75 3.46 16.60
C LEU E 318 11.28 3.33 16.17
N ALA E 319 10.67 2.18 16.42
CA ALA E 319 9.27 1.93 16.06
C ALA E 319 9.05 2.13 14.56
N GLY E 320 7.82 2.46 14.19
CA GLY E 320 7.50 2.75 12.79
C GLY E 320 7.08 1.58 11.93
N HIS E 321 7.77 0.44 12.06
CA HIS E 321 7.47 -0.71 11.23
C HIS E 321 6.15 -1.35 11.64
N ASP E 322 5.53 -2.04 10.68
CA ASP E 322 4.25 -2.69 10.90
C ASP E 322 4.36 -4.16 11.25
N ASN E 323 5.45 -4.83 10.87
CA ASN E 323 5.61 -6.25 11.16
C ASN E 323 6.97 -6.51 11.81
N ARG E 324 7.30 -7.78 12.01
CA ARG E 324 8.53 -8.15 12.69
C ARG E 324 9.75 -7.60 11.94
N VAL E 325 10.65 -6.96 12.67
CA VAL E 325 11.89 -6.45 12.11
C VAL E 325 12.87 -7.62 11.99
N SER E 326 13.26 -7.95 10.77
CA SER E 326 14.04 -9.15 10.51
C SER E 326 15.53 -8.88 10.28
N CYS E 327 15.93 -7.63 10.04
CA CYS E 327 17.32 -7.34 9.76
C CYS E 327 17.65 -5.92 10.17
N LEU E 328 18.89 -5.72 10.63
CA LEU E 328 19.39 -4.42 11.02
C LEU E 328 20.68 -4.13 10.27
N GLY E 329 21.00 -2.86 10.10
CA GLY E 329 22.21 -2.47 9.43
C GLY E 329 22.66 -1.06 9.74
N VAL E 330 23.93 -0.89 10.09
CA VAL E 330 24.53 0.41 10.36
C VAL E 330 25.65 0.63 9.36
N THR E 331 25.68 1.82 8.74
CA THR E 331 26.68 2.12 7.75
C THR E 331 28.08 2.12 8.35
N ASP E 332 29.08 2.00 7.48
CA ASP E 332 30.46 1.98 7.94
C ASP E 332 30.84 3.30 8.61
N ASP E 333 30.40 4.42 8.04
CA ASP E 333 30.65 5.72 8.64
C ASP E 333 29.69 6.04 9.78
N GLY E 334 28.69 5.19 10.03
CA GLY E 334 27.77 5.40 11.12
C GLY E 334 26.76 6.50 10.89
N MET E 335 26.53 6.90 9.64
CA MET E 335 25.64 8.02 9.36
C MET E 335 24.17 7.65 9.48
N ALA E 336 23.80 6.38 9.26
CA ALA E 336 22.40 6.00 9.22
C ALA E 336 22.25 4.55 9.66
N VAL E 337 21.02 4.18 9.96
CA VAL E 337 20.66 2.81 10.33
C VAL E 337 19.52 2.36 9.43
N ALA E 338 19.69 1.20 8.80
CA ALA E 338 18.69 0.63 7.92
C ALA E 338 18.01 -0.55 8.61
N THR E 339 16.68 -0.60 8.51
CA THR E 339 15.89 -1.67 9.11
C THR E 339 14.98 -2.28 8.06
N GLY E 340 14.83 -3.59 8.13
CA GLY E 340 13.91 -4.29 7.25
C GLY E 340 12.97 -5.16 8.06
N SER E 341 11.77 -5.32 7.52
CA SER E 341 10.71 -6.05 8.23
C SER E 341 9.93 -6.90 7.25
N TRP E 342 8.99 -7.67 7.78
CA TRP E 342 8.15 -8.55 6.99
C TRP E 342 7.04 -7.83 6.25
N ASP E 343 6.87 -6.53 6.47
CA ASP E 343 5.89 -5.73 5.76
C ASP E 343 6.38 -5.24 4.40
N SER E 344 7.54 -5.73 3.94
CA SER E 344 8.09 -5.41 2.62
C SER E 344 8.47 -3.94 2.51
N PHE E 345 9.10 -3.39 3.54
CA PHE E 345 9.56 -2.01 3.54
C PHE E 345 10.91 -1.93 4.23
N LEU E 346 11.83 -1.15 3.64
CA LEU E 346 13.07 -0.79 4.28
C LEU E 346 13.02 0.68 4.69
N LYS E 347 13.43 0.96 5.92
CA LYS E 347 13.42 2.32 6.44
C LYS E 347 14.81 2.69 6.93
N ILE E 348 15.23 3.91 6.59
CA ILE E 348 16.56 4.40 6.92
C ILE E 348 16.41 5.50 7.96
N TRP E 349 17.10 5.33 9.09
CA TRP E 349 16.95 6.21 10.24
C TRP E 349 18.24 6.98 10.47
N ASN E 350 18.10 8.11 11.15
CA ASN E 350 19.25 8.96 11.47
C ASN E 350 18.95 9.81 12.71
N ILE F 9 32.03 -44.05 22.25
CA ILE F 9 33.37 -44.03 22.85
C ILE F 9 34.32 -43.21 21.99
N ALA F 10 34.05 -43.16 20.69
CA ALA F 10 34.85 -42.40 19.75
C ALA F 10 34.28 -41.01 19.45
N GLN F 11 33.16 -40.66 20.08
CA GLN F 11 32.52 -39.36 19.86
C GLN F 11 32.89 -38.34 20.91
N ALA F 12 32.95 -38.74 22.19
CA ALA F 12 33.29 -37.82 23.26
C ALA F 12 34.79 -37.73 23.51
N ARG F 13 35.61 -38.50 22.78
CA ARG F 13 37.06 -38.39 22.92
C ARG F 13 37.54 -37.01 22.51
N LYS F 14 36.99 -36.46 21.42
CA LYS F 14 37.37 -35.13 21.00
C LYS F 14 36.75 -34.05 21.88
N LEU F 15 35.68 -34.39 22.61
CA LEU F 15 35.01 -33.40 23.46
C LEU F 15 35.93 -32.95 24.59
N VAL F 16 36.58 -33.90 25.27
CA VAL F 16 37.49 -33.53 26.35
C VAL F 16 38.73 -32.84 25.79
N GLU F 17 39.13 -33.19 24.56
CA GLU F 17 40.26 -32.51 23.94
C GLU F 17 39.98 -31.04 23.71
N GLN F 18 38.76 -30.71 23.27
CA GLN F 18 38.39 -29.31 23.08
C GLN F 18 38.39 -28.57 24.41
N LEU F 19 37.85 -29.19 25.47
CA LEU F 19 37.83 -28.55 26.77
C LEU F 19 39.23 -28.35 27.33
N LYS F 20 40.18 -29.20 26.93
CA LYS F 20 41.57 -29.01 27.36
C LYS F 20 42.14 -27.72 26.80
N MET F 21 41.88 -27.43 25.53
CA MET F 21 42.37 -26.19 24.92
C MET F 21 41.60 -24.98 25.43
N GLU F 22 40.30 -25.13 25.68
CA GLU F 22 39.48 -24.02 26.15
C GLU F 22 39.80 -23.62 27.58
N ALA F 23 40.42 -24.49 28.37
CA ALA F 23 40.77 -24.17 29.74
C ALA F 23 42.09 -23.43 29.86
N ASN F 24 43.03 -23.66 28.92
CA ASN F 24 44.33 -23.00 28.96
C ASN F 24 44.25 -21.71 28.15
N ILE F 25 43.63 -20.69 28.76
CA ILE F 25 43.46 -19.38 28.15
C ILE F 25 43.99 -18.33 29.11
N ASP F 26 44.83 -17.44 28.61
CA ASP F 26 45.37 -16.33 29.41
C ASP F 26 44.26 -15.31 29.60
N ARG F 27 43.56 -15.42 30.73
CA ARG F 27 42.40 -14.58 31.00
C ARG F 27 42.81 -13.27 31.65
N ILE F 28 41.94 -12.26 31.51
CA ILE F 28 42.18 -10.93 32.04
C ILE F 28 40.99 -10.55 32.91
N LYS F 29 41.29 -9.84 34.01
CA LYS F 29 40.24 -9.39 34.91
C LYS F 29 39.22 -8.52 34.18
N VAL F 30 37.95 -8.72 34.52
CA VAL F 30 36.89 -7.95 33.87
C VAL F 30 37.00 -6.46 34.20
N SER F 31 37.64 -6.14 35.33
CA SER F 31 37.84 -4.74 35.69
C SER F 31 38.69 -4.02 34.66
N LYS F 32 39.76 -4.66 34.20
CA LYS F 32 40.58 -4.08 33.14
C LYS F 32 39.84 -4.10 31.80
N ALA F 33 39.13 -5.19 31.51
CA ALA F 33 38.41 -5.30 30.25
C ALA F 33 37.29 -4.26 30.16
N ALA F 34 36.60 -4.01 31.27
CA ALA F 34 35.53 -3.02 31.27
C ALA F 34 36.09 -1.62 30.99
N ALA F 35 37.23 -1.29 31.59
CA ALA F 35 37.84 0.01 31.35
C ALA F 35 38.28 0.16 29.90
N ASP F 36 38.83 -0.90 29.31
CA ASP F 36 39.28 -0.84 27.93
C ASP F 36 38.13 -0.57 26.98
N LEU F 37 36.99 -1.23 27.19
CA LEU F 37 35.82 -0.98 26.35
C LEU F 37 35.26 0.42 26.60
N MET F 38 35.41 0.92 27.82
CA MET F 38 34.97 2.29 28.12
C MET F 38 35.85 3.31 27.43
N ALA F 39 37.16 3.06 27.37
CA ALA F 39 38.07 4.01 26.74
C ALA F 39 37.80 4.13 25.24
N TYR F 40 37.54 3.00 24.57
CA TYR F 40 37.32 3.03 23.13
C TYR F 40 36.06 3.81 22.78
N CYS F 41 34.97 3.57 23.52
CA CYS F 41 33.72 4.26 23.24
C CYS F 41 33.80 5.75 23.58
N GLU F 42 34.73 6.14 24.45
CA GLU F 42 34.93 7.54 24.78
C GLU F 42 35.90 8.22 23.82
N ALA F 43 36.94 7.49 23.40
CA ALA F 43 37.89 8.04 22.42
C ALA F 43 37.20 8.32 21.09
N HIS F 44 36.66 7.27 20.46
CA HIS F 44 35.97 7.42 19.19
C HIS F 44 34.52 7.83 19.41
N ALA F 45 34.30 8.88 20.18
CA ALA F 45 32.95 9.36 20.46
C ALA F 45 32.57 10.60 19.65
N LYS F 46 33.56 11.39 19.22
CA LYS F 46 33.30 12.57 18.40
C LYS F 46 32.97 12.21 16.96
N GLU F 47 33.21 10.98 16.53
CA GLU F 47 33.00 10.55 15.16
C GLU F 47 31.79 9.62 15.02
N ASP F 48 30.81 9.77 15.92
CA ASP F 48 29.59 8.96 15.87
C ASP F 48 28.41 9.86 15.52
N PRO F 49 27.93 9.83 14.27
CA PRO F 49 26.78 10.67 13.90
C PRO F 49 25.46 10.21 14.50
N LEU F 50 25.44 9.11 15.23
CA LEU F 50 24.23 8.59 15.86
C LEU F 50 24.14 8.97 17.34
N LEU F 51 25.24 8.83 18.08
CA LEU F 51 25.25 9.25 19.47
C LEU F 51 25.03 10.75 19.61
N THR F 52 25.69 11.53 18.77
CA THR F 52 25.51 12.98 18.71
C THR F 52 24.99 13.35 17.33
N PRO F 53 23.83 14.00 17.23
CA PRO F 53 23.27 14.30 15.90
C PRO F 53 24.21 15.13 15.05
N VAL F 54 24.29 14.79 13.77
CA VAL F 54 25.12 15.50 12.80
C VAL F 54 24.41 16.80 12.43
N PRO F 55 25.13 17.87 12.13
CA PRO F 55 24.47 19.08 11.63
C PRO F 55 23.72 18.81 10.34
N ALA F 56 22.60 19.54 10.16
CA ALA F 56 21.74 19.33 9.01
C ALA F 56 22.45 19.62 7.69
N SER F 57 23.49 20.45 7.71
CA SER F 57 24.26 20.74 6.50
C SER F 57 25.24 19.63 6.16
N GLU F 58 25.49 18.69 7.08
CA GLU F 58 26.38 17.56 6.83
C GLU F 58 25.62 16.24 6.92
N ASN F 59 24.33 16.25 6.60
CA ASN F 59 23.48 15.06 6.68
C ASN F 59 23.12 14.60 5.28
N PRO F 60 23.74 13.54 4.76
CA PRO F 60 23.36 13.05 3.42
C PRO F 60 21.93 12.52 3.35
N PHE F 61 21.32 12.22 4.48
CA PHE F 61 19.96 11.68 4.50
C PHE F 61 18.96 12.72 4.98
N ASP G 1 32.24 -12.03 -26.38
CA ASP G 1 32.93 -10.85 -26.90
C ASP G 1 31.94 -9.76 -27.31
N VAL G 2 32.11 -8.57 -26.74
CA VAL G 2 31.29 -7.43 -27.11
C VAL G 2 31.73 -6.92 -28.47
N GLN G 3 30.77 -6.78 -29.39
CA GLN G 3 31.08 -6.40 -30.76
C GLN G 3 29.96 -5.56 -31.32
N LEU G 4 30.29 -4.36 -31.78
CA LEU G 4 29.35 -3.49 -32.47
C LEU G 4 29.85 -3.29 -33.91
N VAL G 5 29.01 -3.61 -34.88
CA VAL G 5 29.35 -3.51 -36.29
C VAL G 5 28.27 -2.72 -37.00
N GLU G 6 28.68 -1.76 -37.83
CA GLU G 6 27.76 -0.90 -38.55
C GLU G 6 27.90 -1.11 -40.06
N SER G 7 26.76 -1.04 -40.75
CA SER G 7 26.73 -1.20 -42.20
C SER G 7 25.71 -0.23 -42.78
N GLY G 8 25.91 0.13 -44.05
CA GLY G 8 25.02 1.04 -44.72
C GLY G 8 25.71 2.26 -45.29
N GLY G 9 27.03 2.33 -45.10
CA GLY G 9 27.79 3.44 -45.64
C GLY G 9 28.01 3.33 -47.13
N GLY G 10 28.42 4.43 -47.73
CA GLY G 10 28.66 4.49 -49.15
C GLY G 10 28.50 5.90 -49.66
N LEU G 11 28.62 6.03 -50.99
CA LEU G 11 28.51 7.31 -51.67
C LEU G 11 27.06 7.54 -52.06
N VAL G 12 26.49 8.64 -51.59
CA VAL G 12 25.11 9.00 -51.89
C VAL G 12 25.08 10.45 -52.35
N GLN G 13 24.09 10.78 -53.17
CA GLN G 13 23.91 12.12 -53.72
C GLN G 13 23.18 13.01 -52.72
N PRO G 14 23.39 14.32 -52.79
CA PRO G 14 22.67 15.23 -51.88
C PRO G 14 21.17 15.15 -52.10
N GLY G 15 20.44 15.27 -50.99
CA GLY G 15 18.99 15.19 -51.01
C GLY G 15 18.42 13.79 -50.88
N GLY G 16 19.25 12.77 -50.96
CA GLY G 16 18.80 11.40 -50.79
C GLY G 16 18.71 11.00 -49.34
N SER G 17 18.29 9.75 -49.13
CA SER G 17 18.12 9.22 -47.78
C SER G 17 18.85 7.89 -47.67
N ARG G 18 19.51 7.69 -46.53
CA ARG G 18 20.24 6.46 -46.25
C ARG G 18 19.93 6.01 -44.83
N LYS G 19 20.11 4.71 -44.58
CA LYS G 19 19.84 4.13 -43.29
C LYS G 19 21.08 3.36 -42.83
N LEU G 20 21.51 3.60 -41.59
CA LEU G 20 22.65 2.91 -41.00
C LEU G 20 22.17 1.98 -39.90
N SER G 21 22.68 0.75 -39.91
CA SER G 21 22.28 -0.27 -38.94
C SER G 21 23.48 -0.64 -38.08
N CYS G 22 23.25 -0.75 -36.77
CA CYS G 22 24.29 -1.11 -35.81
C CYS G 22 23.83 -2.36 -35.07
N SER G 23 24.28 -3.52 -35.53
CA SER G 23 23.91 -4.79 -34.90
C SER G 23 24.87 -5.12 -33.77
N ALA G 24 24.32 -5.48 -32.61
CA ALA G 24 25.10 -5.79 -31.43
C ALA G 24 25.08 -7.28 -31.14
N SER G 25 26.19 -7.79 -30.63
CA SER G 25 26.31 -9.22 -30.31
C SER G 25 27.35 -9.37 -29.23
N GLY G 26 26.92 -9.69 -28.01
CA GLY G 26 27.84 -9.93 -26.92
C GLY G 26 27.49 -9.24 -25.62
N PHE G 27 26.34 -8.56 -25.58
CA PHE G 27 25.90 -7.89 -24.36
C PHE G 27 24.39 -7.71 -24.42
N ALA G 28 23.81 -7.37 -23.27
CA ALA G 28 22.37 -7.18 -23.14
C ALA G 28 22.00 -5.86 -23.79
N PHE G 29 21.65 -5.91 -25.08
CA PHE G 29 21.33 -4.70 -25.82
C PHE G 29 20.13 -3.97 -25.25
N SER G 30 19.17 -4.70 -24.68
CA SER G 30 17.94 -4.09 -24.20
C SER G 30 18.14 -3.21 -22.97
N SER G 31 19.31 -3.27 -22.33
CA SER G 31 19.56 -2.50 -21.12
C SER G 31 20.51 -1.33 -21.34
N PHE G 32 21.06 -1.17 -22.53
CA PHE G 32 22.02 -0.11 -22.82
C PHE G 32 21.38 0.99 -23.66
N GLY G 33 21.81 2.22 -23.41
CA GLY G 33 21.48 3.36 -24.25
C GLY G 33 22.56 3.54 -25.30
N MET G 34 22.11 3.73 -26.55
CA MET G 34 23.01 3.72 -27.69
C MET G 34 23.09 5.11 -28.31
N HIS G 35 24.31 5.59 -28.54
CA HIS G 35 24.56 6.88 -29.15
C HIS G 35 25.04 6.71 -30.59
N TRP G 36 24.97 7.81 -31.33
CA TRP G 36 25.58 7.92 -32.65
C TRP G 36 26.58 9.06 -32.63
N VAL G 37 27.84 8.75 -32.92
CA VAL G 37 28.92 9.74 -32.96
C VAL G 37 29.57 9.67 -34.33
N ARG G 38 29.72 10.82 -34.97
CA ARG G 38 30.35 10.89 -36.28
C ARG G 38 31.63 11.69 -36.20
N GLN G 39 32.60 11.30 -37.03
CA GLN G 39 33.92 11.95 -37.05
C GLN G 39 34.18 12.41 -38.48
N ALA G 40 34.14 13.72 -38.70
CA ALA G 40 34.43 14.28 -40.00
C ALA G 40 35.90 14.06 -40.35
N PRO G 41 36.23 14.02 -41.65
CA PRO G 41 37.63 13.78 -42.04
C PRO G 41 38.61 14.78 -41.43
N GLU G 42 39.57 14.25 -40.67
CA GLU G 42 40.66 15.01 -40.04
C GLU G 42 40.17 16.30 -39.37
N LYS G 43 38.96 16.24 -38.80
CA LYS G 43 38.43 17.37 -38.04
C LYS G 43 38.12 17.01 -36.60
N GLY G 44 37.47 15.86 -36.36
CA GLY G 44 37.23 15.43 -34.99
C GLY G 44 35.88 14.79 -34.76
N LEU G 45 35.66 14.28 -33.55
CA LEU G 45 34.41 13.62 -33.20
C LEU G 45 33.31 14.64 -32.96
N GLU G 46 32.06 14.18 -33.09
CA GLU G 46 30.90 15.03 -32.88
C GLU G 46 29.69 14.16 -32.56
N TRP G 47 29.00 14.48 -31.49
CA TRP G 47 27.80 13.73 -31.10
C TRP G 47 26.65 14.06 -32.04
N VAL G 48 25.80 13.05 -32.28
CA VAL G 48 24.71 13.19 -33.24
C VAL G 48 23.36 12.97 -32.57
N ALA G 49 23.17 11.79 -31.98
CA ALA G 49 21.87 11.45 -31.41
C ALA G 49 22.04 10.40 -30.32
N TYR G 50 21.00 10.25 -29.50
CA TYR G 50 21.00 9.30 -28.40
C TYR G 50 19.59 8.80 -28.16
N ILE G 51 19.45 7.49 -27.94
CA ILE G 51 18.18 6.89 -27.58
C ILE G 51 18.36 6.12 -26.27
N SER G 52 17.45 6.33 -25.33
CA SER G 52 17.56 5.70 -24.03
C SER G 52 17.18 4.23 -24.11
N SER G 53 17.42 3.51 -23.01
CA SER G 53 17.04 2.10 -22.94
C SER G 53 15.52 2.00 -22.91
N GLY G 54 14.98 1.11 -23.75
CA GLY G 54 13.55 0.99 -23.90
C GLY G 54 12.92 2.03 -24.81
N SER G 55 13.73 2.81 -25.53
CA SER G 55 13.27 3.85 -26.45
C SER G 55 12.45 4.93 -25.76
N GLY G 56 12.72 5.18 -24.47
CA GLY G 56 11.97 6.16 -23.73
C GLY G 56 12.34 7.59 -24.07
N THR G 57 13.61 7.95 -23.88
CA THR G 57 14.09 9.30 -24.07
C THR G 57 14.97 9.36 -25.32
N ILE G 58 14.69 10.31 -26.21
CA ILE G 58 15.40 10.48 -27.47
C ILE G 58 15.90 11.91 -27.57
N TYR G 59 17.15 12.08 -27.95
CA TYR G 59 17.76 13.40 -28.13
C TYR G 59 18.47 13.45 -29.47
N TYR G 60 18.56 14.66 -30.03
CA TYR G 60 19.25 14.91 -31.29
C TYR G 60 20.15 16.12 -31.14
N ALA G 61 21.21 16.15 -31.95
CA ALA G 61 22.06 17.33 -32.02
C ALA G 61 21.34 18.47 -32.71
N ASP G 62 21.70 19.71 -32.34
CA ASP G 62 21.07 20.87 -32.96
C ASP G 62 21.35 20.97 -34.44
N THR G 63 22.50 20.43 -34.90
CA THR G 63 22.83 20.49 -36.32
C THR G 63 21.86 19.68 -37.16
N VAL G 64 21.45 18.51 -36.67
CA VAL G 64 20.63 17.59 -37.46
C VAL G 64 19.30 17.35 -36.75
N LYS G 65 18.87 18.29 -35.92
CA LYS G 65 17.58 18.16 -35.25
C LYS G 65 16.45 18.29 -36.24
N GLY G 66 15.50 17.35 -36.20
CA GLY G 66 14.40 17.31 -37.13
C GLY G 66 14.73 16.75 -38.49
N ARG G 67 16.00 16.46 -38.77
CA ARG G 67 16.45 15.89 -40.03
C ARG G 67 16.77 14.41 -39.94
N PHE G 68 17.35 13.98 -38.83
CA PHE G 68 17.66 12.58 -38.59
C PHE G 68 16.61 11.97 -37.66
N THR G 69 16.58 10.64 -37.64
CA THR G 69 15.73 9.92 -36.71
C THR G 69 16.45 8.65 -36.27
N ILE G 70 16.23 8.26 -35.02
CA ILE G 70 16.87 7.09 -34.43
C ILE G 70 15.78 6.13 -33.98
N SER G 71 15.98 4.85 -34.24
CA SER G 71 15.04 3.81 -33.86
C SER G 71 15.78 2.65 -33.22
N ARG G 72 15.07 1.91 -32.38
CA ARG G 72 15.68 0.83 -31.59
C ARG G 72 14.86 -0.43 -31.77
N ASP G 73 15.55 -1.53 -32.10
CA ASP G 73 14.91 -2.83 -32.27
C ASP G 73 15.54 -3.78 -31.26
N ASP G 74 14.99 -3.79 -30.05
CA ASP G 74 15.54 -4.63 -28.98
C ASP G 74 15.49 -6.11 -29.29
N PRO G 75 14.39 -6.70 -29.76
CA PRO G 75 14.39 -8.14 -30.04
C PRO G 75 15.40 -8.56 -31.10
N LYS G 76 15.76 -7.66 -32.02
CA LYS G 76 16.70 -8.00 -33.09
C LYS G 76 18.13 -7.54 -32.80
N ASN G 77 18.35 -6.82 -31.70
CA ASN G 77 19.67 -6.32 -31.32
C ASN G 77 20.28 -5.48 -32.44
N THR G 78 19.49 -4.53 -32.93
CA THR G 78 19.92 -3.68 -34.04
C THR G 78 19.51 -2.25 -33.74
N LEU G 79 20.40 -1.31 -34.03
CA LEU G 79 20.16 0.12 -33.87
C LEU G 79 20.22 0.79 -35.22
N PHE G 80 19.21 1.59 -35.54
CA PHE G 80 19.09 2.23 -36.84
C PHE G 80 19.24 3.73 -36.72
N LEU G 81 19.64 4.36 -37.82
CA LEU G 81 19.71 5.82 -37.95
C LEU G 81 19.31 6.17 -39.36
N GLN G 82 18.10 6.70 -39.53
CA GLN G 82 17.57 7.07 -40.84
C GLN G 82 17.76 8.56 -41.04
N MET G 83 18.51 8.92 -42.07
CA MET G 83 18.78 10.32 -42.41
C MET G 83 17.94 10.72 -43.61
N THR G 84 17.18 11.79 -43.47
CA THR G 84 16.22 12.21 -44.49
C THR G 84 16.89 12.96 -45.64
N SER G 85 17.51 14.10 -45.34
CA SER G 85 18.18 14.92 -46.35
C SER G 85 19.64 15.08 -45.95
N LEU G 86 20.54 14.80 -46.88
CA LEU G 86 21.97 14.80 -46.62
C LEU G 86 22.62 15.95 -47.39
N ARG G 87 23.36 16.80 -46.68
CA ARG G 87 24.17 17.84 -47.30
C ARG G 87 25.59 17.29 -47.48
N SER G 88 26.52 18.18 -47.87
CA SER G 88 27.92 17.80 -47.96
C SER G 88 28.60 17.75 -46.60
N GLU G 89 27.92 18.22 -45.55
CA GLU G 89 28.45 18.19 -44.19
C GLU G 89 28.24 16.84 -43.50
N ASP G 90 27.32 16.01 -44.01
CA ASP G 90 26.99 14.75 -43.34
C ASP G 90 28.07 13.70 -43.52
N THR G 91 29.02 13.90 -44.42
CA THR G 91 30.07 12.91 -44.63
C THR G 91 30.98 12.83 -43.41
N ALA G 92 31.07 11.63 -42.84
CA ALA G 92 31.84 11.38 -41.63
C ALA G 92 31.80 9.89 -41.35
N MET G 93 32.66 9.45 -40.44
CA MET G 93 32.68 8.06 -39.97
C MET G 93 31.74 7.95 -38.77
N TYR G 94 30.56 7.40 -38.98
CA TYR G 94 29.56 7.30 -37.93
C TYR G 94 29.86 6.10 -37.04
N TYR G 95 30.02 6.36 -35.74
CA TYR G 95 30.28 5.33 -34.76
C TYR G 95 29.02 4.99 -33.98
N CYS G 96 29.01 3.79 -33.40
CA CYS G 96 27.89 3.30 -32.61
C CYS G 96 28.40 2.98 -31.22
N VAL G 97 27.90 3.68 -30.21
CA VAL G 97 28.44 3.62 -28.86
C VAL G 97 27.32 3.21 -27.90
N ARG G 98 27.64 2.30 -26.99
CA ARG G 98 26.70 1.86 -25.97
C ARG G 98 26.95 2.59 -24.65
N SER G 99 25.87 2.76 -23.88
CA SER G 99 25.94 3.52 -22.64
C SER G 99 24.92 2.97 -21.65
N ILE G 100 25.36 2.68 -20.43
CA ILE G 100 24.49 2.24 -19.36
C ILE G 100 24.66 3.21 -18.19
N TYR G 101 23.55 3.65 -17.62
CA TYR G 101 23.54 4.70 -16.60
C TYR G 101 22.99 4.16 -15.30
N TYR G 102 23.86 4.05 -14.30
CA TYR G 102 23.46 3.83 -12.92
C TYR G 102 24.60 4.31 -12.04
N TYR G 103 24.41 4.22 -10.72
CA TYR G 103 25.40 4.71 -9.79
C TYR G 103 26.71 3.94 -9.93
N GLY G 104 27.75 4.61 -10.41
CA GLY G 104 29.06 3.99 -10.56
C GLY G 104 29.29 3.28 -11.87
N SER G 105 28.48 3.52 -12.89
CA SER G 105 28.60 2.83 -14.17
C SER G 105 29.62 3.52 -15.07
N SER G 106 29.93 2.86 -16.18
CA SER G 106 30.83 3.38 -17.21
C SER G 106 30.05 3.53 -18.50
N PRO G 107 29.52 4.72 -18.80
CA PRO G 107 28.59 4.87 -19.94
C PRO G 107 29.24 5.19 -21.27
N PHE G 108 30.55 5.04 -21.43
CA PHE G 108 31.16 5.25 -22.74
C PHE G 108 32.31 4.28 -22.99
N ASP G 109 32.21 3.08 -22.45
CA ASP G 109 33.34 2.15 -22.48
C ASP G 109 33.64 1.66 -23.89
N PHE G 110 32.61 1.21 -24.60
CA PHE G 110 32.78 0.53 -25.88
C PHE G 110 32.29 1.38 -27.04
N TRP G 111 33.12 1.51 -28.06
CA TRP G 111 32.78 2.19 -29.30
C TRP G 111 32.77 1.19 -30.45
N GLY G 112 31.87 1.42 -31.40
CA GLY G 112 31.75 0.55 -32.55
C GLY G 112 32.89 0.75 -33.53
N GLN G 113 32.90 -0.11 -34.55
CA GLN G 113 33.96 -0.05 -35.56
C GLN G 113 33.79 1.10 -36.54
N GLY G 114 32.59 1.66 -36.64
CA GLY G 114 32.37 2.82 -37.50
C GLY G 114 32.19 2.45 -38.95
N THR G 115 31.33 3.21 -39.62
CA THR G 115 31.09 3.07 -41.04
C THR G 115 31.31 4.41 -41.72
N THR G 116 31.78 4.37 -42.97
CA THR G 116 32.13 5.58 -43.70
C THR G 116 30.99 5.99 -44.64
N LEU G 117 30.48 7.19 -44.44
CA LEU G 117 29.45 7.76 -45.29
C LEU G 117 30.03 8.94 -46.06
N THR G 118 29.89 8.92 -47.37
CA THR G 118 30.42 9.98 -48.23
C THR G 118 29.29 10.57 -49.07
N VAL G 119 29.24 11.90 -49.12
CA VAL G 119 28.25 12.61 -49.92
C VAL G 119 28.99 13.46 -50.96
N SER G 120 28.62 13.29 -52.22
CA SER G 120 29.27 14.02 -53.30
C SER G 120 28.77 15.47 -53.33
N SER G 121 29.53 16.31 -54.02
CA SER G 121 29.19 17.73 -54.15
C SER G 121 28.28 17.96 -55.36
N SER G 136 25.09 29.21 -25.32
CA SER G 136 24.06 28.18 -25.30
C SER G 136 24.62 26.84 -24.88
N ASP G 137 25.41 26.23 -25.76
CA ASP G 137 26.02 24.95 -25.47
C ASP G 137 27.35 25.13 -24.73
N ILE G 138 27.79 24.07 -24.08
CA ILE G 138 29.05 24.07 -23.36
C ILE G 138 30.19 23.89 -24.36
N VAL G 139 31.06 24.88 -24.47
CA VAL G 139 32.17 24.88 -25.40
C VAL G 139 33.42 24.42 -24.66
N MET G 140 34.02 23.33 -25.14
CA MET G 140 35.23 22.78 -24.57
C MET G 140 36.38 23.01 -25.55
N THR G 141 37.46 23.61 -25.05
CA THR G 141 38.61 23.96 -25.87
C THR G 141 39.86 23.26 -25.36
N GLN G 142 40.63 22.71 -26.28
CA GLN G 142 41.91 22.08 -25.97
C GLN G 142 43.03 23.02 -26.37
N ALA G 143 44.04 23.14 -25.49
CA ALA G 143 45.05 24.18 -25.65
C ALA G 143 45.85 24.02 -26.92
N THR G 144 46.29 22.80 -27.23
CA THR G 144 47.20 22.55 -28.34
C THR G 144 46.58 21.54 -29.30
N SER G 145 47.35 21.21 -30.34
CA SER G 145 46.93 20.24 -31.34
C SER G 145 47.96 19.16 -31.63
N SER G 146 49.24 19.39 -31.34
CA SER G 146 50.28 18.40 -31.56
C SER G 146 51.34 18.54 -30.48
N VAL G 147 51.71 17.41 -29.88
CA VAL G 147 52.69 17.40 -28.80
C VAL G 147 53.73 16.31 -29.08
N PRO G 148 54.93 16.66 -29.56
CA PRO G 148 55.97 15.64 -29.71
C PRO G 148 56.57 15.28 -28.36
N VAL G 149 56.90 14.01 -28.19
CA VAL G 149 57.44 13.51 -26.93
C VAL G 149 58.13 12.17 -27.21
N THR G 150 59.11 11.84 -26.37
CA THR G 150 59.84 10.59 -26.43
C THR G 150 59.35 9.65 -25.33
N PRO G 151 59.50 8.34 -25.52
CA PRO G 151 59.04 7.39 -24.49
C PRO G 151 59.75 7.60 -23.17
N GLY G 152 59.02 7.34 -22.08
CA GLY G 152 59.53 7.51 -20.74
C GLY G 152 59.37 8.89 -20.15
N GLU G 153 58.79 9.84 -20.89
CA GLU G 153 58.58 11.19 -20.42
C GLU G 153 57.10 11.42 -20.14
N SER G 154 56.79 11.94 -18.96
CA SER G 154 55.42 12.22 -18.60
C SER G 154 54.84 13.33 -19.47
N VAL G 155 53.60 13.14 -19.90
CA VAL G 155 52.90 14.09 -20.76
C VAL G 155 51.62 14.51 -20.07
N SER G 156 51.33 15.82 -20.11
CA SER G 156 50.12 16.37 -19.51
C SER G 156 49.27 17.00 -20.60
N ILE G 157 47.99 16.63 -20.64
CA ILE G 157 47.03 17.16 -21.60
C ILE G 157 45.92 17.85 -20.81
N SER G 158 45.60 19.08 -21.20
CA SER G 158 44.63 19.88 -20.46
C SER G 158 43.64 20.53 -21.43
N CYS G 159 42.38 20.58 -21.02
CA CYS G 159 41.34 21.27 -21.76
C CYS G 159 40.39 21.95 -20.79
N ARG G 160 39.83 23.07 -21.22
CA ARG G 160 38.92 23.87 -20.41
C ARG G 160 37.48 23.67 -20.88
N SER G 161 36.57 24.41 -20.25
CA SER G 161 35.16 24.36 -20.58
C SER G 161 34.51 25.70 -20.24
N SER G 162 33.33 25.92 -20.79
CA SER G 162 32.61 27.17 -20.54
C SER G 162 32.01 27.20 -19.14
N LYS G 163 31.14 26.25 -18.82
CA LYS G 163 30.55 26.14 -17.50
C LYS G 163 31.43 25.29 -16.59
N SER G 164 31.02 25.21 -15.33
CA SER G 164 31.67 24.36 -14.35
C SER G 164 31.00 22.99 -14.36
N LEU G 165 31.73 21.97 -14.81
CA LEU G 165 31.17 20.64 -14.90
C LEU G 165 30.94 19.98 -13.54
N LEU G 166 31.47 20.57 -12.47
CA LEU G 166 31.27 20.02 -11.13
C LEU G 166 29.83 20.26 -10.70
N HIS G 167 29.03 19.20 -10.66
CA HIS G 167 27.64 19.29 -10.22
C HIS G 167 27.59 19.46 -8.71
N SER G 168 26.40 19.81 -8.21
CA SER G 168 26.20 19.90 -6.77
C SER G 168 26.26 18.53 -6.10
N ASN G 169 26.18 17.45 -6.87
CA ASN G 169 26.26 16.11 -6.31
C ASN G 169 27.69 15.70 -5.99
N GLY G 170 28.67 16.50 -6.38
CA GLY G 170 30.07 16.18 -6.16
C GLY G 170 30.75 15.52 -7.34
N ASN G 171 30.00 15.11 -8.36
CA ASN G 171 30.58 14.46 -9.52
C ASN G 171 30.90 15.47 -10.61
N THR G 172 32.06 15.30 -11.23
CA THR G 172 32.46 16.09 -12.39
C THR G 172 32.30 15.22 -13.63
N TYR G 173 31.57 15.72 -14.62
CA TYR G 173 31.24 14.94 -15.81
C TYR G 173 32.20 15.29 -16.93
N LEU G 174 33.34 14.60 -16.93
CA LEU G 174 34.34 14.75 -17.97
C LEU G 174 34.78 13.36 -18.42
N TYR G 175 34.89 13.16 -19.73
CA TYR G 175 35.29 11.89 -20.29
C TYR G 175 36.50 12.08 -21.18
N TRP G 176 37.48 11.20 -21.03
CA TRP G 176 38.71 11.23 -21.82
C TRP G 176 38.74 10.02 -22.72
N PHE G 177 38.94 10.25 -24.02
CA PHE G 177 39.00 9.18 -25.01
C PHE G 177 40.32 9.24 -25.75
N LEU G 178 40.76 8.06 -26.21
CA LEU G 178 41.98 7.94 -26.99
C LEU G 178 41.66 7.23 -28.30
N GLN G 179 42.00 7.85 -29.41
CA GLN G 179 41.75 7.29 -30.74
C GLN G 179 43.09 6.98 -31.38
N ARG G 180 43.51 5.72 -31.28
CA ARG G 180 44.74 5.29 -31.93
C ARG G 180 44.57 5.35 -33.45
N PRO G 181 45.67 5.58 -34.18
CA PRO G 181 45.57 5.69 -35.64
C PRO G 181 45.02 4.42 -36.26
N GLY G 182 43.96 4.57 -37.05
CA GLY G 182 43.34 3.44 -37.71
C GLY G 182 42.36 2.67 -36.88
N GLN G 183 42.06 3.11 -35.67
CA GLN G 183 41.15 2.40 -34.77
C GLN G 183 40.04 3.35 -34.30
N SER G 184 39.22 2.86 -33.39
CA SER G 184 38.09 3.59 -32.82
C SER G 184 38.46 4.14 -31.44
N PRO G 185 37.81 5.22 -31.02
CA PRO G 185 38.12 5.79 -29.70
C PRO G 185 37.87 4.81 -28.57
N GLN G 186 38.70 4.91 -27.54
CA GLN G 186 38.61 4.06 -26.36
C GLN G 186 38.56 4.92 -25.11
N LEU G 187 37.66 4.58 -24.20
CA LEU G 187 37.49 5.34 -22.97
C LEU G 187 38.63 5.08 -21.99
N LEU G 188 39.14 6.15 -21.40
CA LEU G 188 40.21 6.07 -20.41
C LEU G 188 39.74 6.51 -19.03
N ILE G 189 39.21 7.74 -18.91
CA ILE G 189 38.72 8.29 -17.66
C ILE G 189 37.32 8.81 -17.91
N TYR G 190 36.36 8.43 -17.06
CA TYR G 190 34.97 8.71 -17.40
C TYR G 190 34.27 9.74 -16.54
N ARG G 191 34.76 10.08 -15.33
CA ARG G 191 34.21 11.24 -14.64
C ARG G 191 35.25 12.33 -14.40
N MET G 192 36.25 12.10 -13.54
CA MET G 192 37.38 13.02 -13.46
C MET G 192 38.69 12.25 -13.35
N SER G 193 38.67 11.15 -12.59
CA SER G 193 39.86 10.37 -12.31
C SER G 193 39.56 8.87 -12.27
N ASN G 194 38.37 8.45 -12.68
CA ASN G 194 37.97 7.06 -12.58
C ASN G 194 38.51 6.30 -13.79
N LEU G 195 39.48 5.42 -13.56
CA LEU G 195 40.07 4.64 -14.64
C LEU G 195 39.06 3.67 -15.23
N ALA G 196 39.08 3.53 -16.54
CA ALA G 196 38.18 2.61 -17.21
C ALA G 196 38.62 1.17 -16.97
N SER G 197 37.85 0.23 -17.50
CA SER G 197 38.12 -1.19 -17.31
C SER G 197 39.13 -1.66 -18.36
N GLY G 198 40.26 -2.19 -17.90
CA GLY G 198 41.27 -2.74 -18.77
C GLY G 198 42.33 -1.76 -19.24
N VAL G 199 42.18 -0.48 -18.93
CA VAL G 199 43.19 0.52 -19.31
C VAL G 199 44.37 0.40 -18.37
N PRO G 200 45.59 0.70 -18.83
CA PRO G 200 46.75 0.66 -17.92
C PRO G 200 46.62 1.69 -16.81
N ASP G 201 47.22 1.36 -15.66
CA ASP G 201 47.14 2.21 -14.48
C ASP G 201 48.00 3.47 -14.59
N ARG G 202 48.83 3.59 -15.63
CA ARG G 202 49.69 4.76 -15.76
C ARG G 202 48.88 6.03 -16.04
N PHE G 203 47.71 5.90 -16.66
CA PHE G 203 46.88 7.06 -16.91
C PHE G 203 46.24 7.55 -15.62
N SER G 204 46.13 8.87 -15.50
CA SER G 204 45.51 9.50 -14.34
C SER G 204 44.93 10.84 -14.76
N GLY G 205 43.86 11.24 -14.08
CA GLY G 205 43.17 12.48 -14.41
C GLY G 205 42.86 13.27 -13.17
N SER G 206 42.72 14.58 -13.35
CA SER G 206 42.36 15.49 -12.26
C SER G 206 41.61 16.67 -12.86
N GLY G 207 41.45 17.72 -12.07
CA GLY G 207 40.77 18.92 -12.54
C GLY G 207 40.09 19.62 -11.38
N SER G 208 39.63 20.85 -11.67
CA SER G 208 38.94 21.65 -10.66
C SER G 208 37.93 22.54 -11.37
N GLY G 209 36.70 22.04 -11.49
CA GLY G 209 35.59 22.85 -11.97
C GLY G 209 35.59 23.10 -13.46
N THR G 210 36.53 23.93 -13.94
CA THR G 210 36.58 24.31 -15.34
C THR G 210 37.90 24.01 -16.01
N ALA G 211 38.94 23.66 -15.25
CA ALA G 211 40.24 23.33 -15.80
C ALA G 211 40.60 21.90 -15.39
N PHE G 212 40.91 21.07 -16.37
CA PHE G 212 41.20 19.66 -16.14
C PHE G 212 42.50 19.28 -16.80
N THR G 213 43.18 18.28 -16.22
CA THR G 213 44.46 17.82 -16.73
C THR G 213 44.45 16.30 -16.82
N LEU G 214 44.99 15.78 -17.92
CA LEU G 214 45.22 14.35 -18.10
C LEU G 214 46.71 14.09 -18.18
N THR G 215 47.21 13.22 -17.31
CA THR G 215 48.64 12.94 -17.22
C THR G 215 48.91 11.48 -17.58
N ILE G 216 50.00 11.25 -18.30
CA ILE G 216 50.41 9.92 -18.71
C ILE G 216 51.85 9.73 -18.25
N SER G 217 52.03 9.00 -17.14
CA SER G 217 53.35 8.73 -16.63
C SER G 217 53.92 7.45 -17.26
N ARG G 218 55.21 7.49 -17.58
CA ARG G 218 55.90 6.38 -18.24
C ARG G 218 55.21 6.03 -19.55
N LEU G 219 55.24 6.99 -20.47
CA LEU G 219 54.56 6.84 -21.75
C LEU G 219 55.16 5.69 -22.55
N GLU G 220 54.29 4.90 -23.18
CA GLU G 220 54.68 3.76 -23.98
C GLU G 220 54.40 4.07 -25.46
N ALA G 221 54.95 3.23 -26.34
CA ALA G 221 54.88 3.51 -27.77
C ALA G 221 53.46 3.43 -28.29
N GLU G 222 52.62 2.62 -27.65
CA GLU G 222 51.26 2.41 -28.08
C GLU G 222 50.28 3.45 -27.53
N ASP G 223 50.78 4.43 -26.78
CA ASP G 223 49.93 5.49 -26.23
C ASP G 223 49.76 6.66 -27.20
N VAL G 224 50.37 6.60 -28.38
CA VAL G 224 50.24 7.69 -29.34
C VAL G 224 48.83 7.68 -29.93
N GLY G 225 48.37 8.85 -30.34
CA GLY G 225 47.04 8.99 -30.90
C GLY G 225 46.47 10.36 -30.60
N VAL G 226 45.18 10.50 -30.89
CA VAL G 226 44.47 11.75 -30.66
C VAL G 226 43.62 11.60 -29.41
N TYR G 227 43.75 12.56 -28.49
CA TYR G 227 43.02 12.54 -27.23
C TYR G 227 41.89 13.56 -27.27
N TYR G 228 40.69 13.10 -26.88
CA TYR G 228 39.50 13.94 -26.86
C TYR G 228 38.94 14.00 -25.45
N CYS G 229 38.55 15.18 -25.01
CA CYS G 229 37.88 15.37 -23.73
C CYS G 229 36.44 15.82 -23.99
N MET G 230 35.49 15.16 -23.34
CA MET G 230 34.08 15.38 -23.60
C MET G 230 33.34 15.57 -22.27
N GLN G 231 32.28 16.37 -22.31
CA GLN G 231 31.44 16.63 -21.15
C GLN G 231 30.10 15.93 -21.30
N HIS G 232 29.57 15.42 -20.20
CA HIS G 232 28.27 14.77 -20.16
C HIS G 232 27.33 15.46 -19.17
N LEU G 233 27.64 16.71 -18.82
CA LEU G 233 26.83 17.42 -17.84
C LEU G 233 25.44 17.72 -18.38
N GLU G 234 25.34 18.07 -19.66
CA GLU G 234 24.06 18.44 -20.24
C GLU G 234 24.11 18.20 -21.74
N TYR G 235 22.98 17.77 -22.30
CA TYR G 235 22.87 17.59 -23.73
C TYR G 235 22.73 18.94 -24.43
N PRO G 236 23.28 19.08 -25.65
CA PRO G 236 24.00 18.07 -26.44
C PRO G 236 25.44 17.87 -25.95
N LEU G 237 26.01 16.70 -26.20
CA LEU G 237 27.38 16.42 -25.80
C LEU G 237 28.36 17.08 -26.76
N THR G 238 29.39 17.69 -26.21
CA THR G 238 30.40 18.42 -26.99
C THR G 238 31.78 17.84 -26.72
N PHE G 239 32.55 17.67 -27.79
CA PHE G 239 33.91 17.17 -27.70
C PHE G 239 34.91 18.31 -27.80
N GLY G 240 36.16 18.00 -27.44
CA GLY G 240 37.24 18.96 -27.55
C GLY G 240 37.77 19.04 -28.96
N ALA G 241 38.72 19.96 -29.14
CA ALA G 241 39.35 20.13 -30.45
C ALA G 241 40.11 18.89 -30.86
N GLY G 242 40.83 18.27 -29.92
CA GLY G 242 41.59 17.08 -30.22
C GLY G 242 43.09 17.29 -30.13
N THR G 243 43.73 16.65 -29.16
CA THR G 243 45.17 16.76 -28.96
C THR G 243 45.86 15.51 -29.51
N LYS G 244 46.81 15.72 -30.41
CA LYS G 244 47.52 14.63 -31.07
C LYS G 244 48.91 14.49 -30.46
N LEU G 245 49.27 13.26 -30.10
CA LEU G 245 50.60 12.96 -29.57
C LEU G 245 51.50 12.47 -30.69
N GLU G 246 52.69 13.04 -30.78
CA GLU G 246 53.63 12.71 -31.84
C GLU G 246 54.88 12.07 -31.23
N LEU G 247 55.49 11.17 -32.00
CA LEU G 247 56.69 10.47 -31.55
C LEU G 247 57.68 10.33 -32.70
#